data_6WZK
#
_entry.id   6WZK
#
_cell.length_a   62.017
_cell.length_b   65.159
_cell.length_c   281.747
_cell.angle_alpha   90.000
_cell.angle_beta   90.000
_cell.angle_gamma   90.000
#
_symmetry.space_group_name_H-M   'P 21 21 21'
#
loop_
_entity.id
_entity.type
_entity.pdbx_description
1 polymer 'LY3041658 Fab heavy chain'
2 polymer 'LY3041658 Fab light chain'
3 polymer 'LY3041658 Fab heavy chain'
4 polymer 'C-X-C motif chemokine 3'
5 non-polymer 1,2-ETHANEDIOL
6 non-polymer 'ACETATE ION'
7 non-polymer 'MAGNESIUM ION'
8 water water
#
loop_
_entity_poly.entity_id
_entity_poly.type
_entity_poly.pdbx_seq_one_letter_code
_entity_poly.pdbx_strand_id
1 'polypeptide(L)'
;(PCA)VQLVQSGAEVKKPGASVKVSCKASGYEFTSYWIHWVRQAPGQGLEWMGNISPNSGSANYNEKFKSRVTMTRDTST
STVYMELSSLRSEDTAVYYCAREGPYSYYPSREYYGSDLWGQGTLVTVSSASTKGPSVFPLAPCSRSTSESTAALGCLVK
DYFPEPVTVSWNSGALTSGVHTFPAVLQSSGLYSLSSVVTVPSSSLGTKTYTCNVDHKPSNTKVDKRV
;
A
2 'polypeptide(L)'
;EIVLTQSPATLSLSPGERATLSCRASQSISNNLHWYQQKPGQAPRLLIYYTSRSVSGIPARFSGSGSGTDFTLTISSLEP
EDFAVYYCGQNNEWPEVFGGGTKVEIKRTVAAPSVFIFPPSDEQLKSGTASVVCLLNNFYPREAKVQWKVDNALQSGNSQ
ESVTEQDSKDSTYSLSSTLTLSKADYEKHKVYACEVTHQGLSSPVTKSFNRGEC
;
B,D
3 'polypeptide(L)'
;QVQLVQSGAEVKKPGASVKVSCKASGYEFTSYWIHWVRQAPGQGLEWMGNISPNSGSANYNEKFKSRVTMTRDTSTSTVY
MELSSLRSEDTAVYYCAREGPYSYYPSREYYGSDLWGQGTLVTVSSASTKGPSVFPLAPCSRSTSESTAALGCLVKDYFP
EPVTVSWNSGALTSGVHTFPAVLQSSGLYSLSSVVTVPSSSLGTKTYTCNVDHKPSNTKVDKRV
;
C
4 'polypeptide(L)' APVATELRCQCLQTLQGIHPKNIQSVIVKAPGPHCAETEVIATLKNGQKACLNPASPMVQKIIEKILNKGSTGLTGVK E,F
#
loop_
_chem_comp.id
_chem_comp.type
_chem_comp.name
_chem_comp.formula
ACT non-polymer 'ACETATE ION' 'C2 H3 O2 -1'
EDO non-polymer 1,2-ETHANEDIOL 'C2 H6 O2'
MG non-polymer 'MAGNESIUM ION' 'Mg 2'
#
# COMPACT_ATOMS: atom_id res chain seq x y z
N PCA A 1 -19.05 -38.72 -1.38
CA PCA A 1 -19.00 -37.75 -0.30
CB PCA A 1 -19.13 -38.52 1.03
CG PCA A 1 -18.75 -39.95 0.62
CD PCA A 1 -18.96 -39.97 -0.89
OE PCA A 1 -19.09 -41.00 -1.59
C PCA A 1 -17.75 -36.87 -0.34
O PCA A 1 -16.67 -37.35 -0.71
N VAL A 2 -17.90 -35.60 0.02
CA VAL A 2 -16.81 -34.62 0.10
C VAL A 2 -16.42 -34.65 1.57
N GLN A 3 -15.23 -35.16 1.88
CA GLN A 3 -14.86 -35.39 3.27
C GLN A 3 -13.36 -35.48 3.53
N LEU A 4 -13.00 -35.34 4.82
CA LEU A 4 -11.67 -35.55 5.35
C LEU A 4 -11.86 -36.56 6.47
N VAL A 5 -11.27 -37.73 6.33
CA VAL A 5 -11.43 -38.81 7.32
C VAL A 5 -10.12 -39.06 8.02
N GLN A 6 -10.13 -38.89 9.35
CA GLN A 6 -8.91 -39.07 10.10
C GLN A 6 -8.78 -40.43 10.77
N SER A 7 -7.57 -40.79 11.18
CA SER A 7 -7.29 -42.04 11.92
C SER A 7 -7.83 -41.95 13.35
N GLY A 8 -7.91 -43.09 14.05
CA GLY A 8 -8.50 -43.19 15.37
C GLY A 8 -7.66 -42.62 16.49
N ALA A 9 -8.29 -42.53 17.68
CA ALA A 9 -7.66 -42.01 18.88
C ALA A 9 -6.35 -42.72 19.24
N GLU A 10 -5.42 -41.97 19.86
CA GLU A 10 -4.09 -42.46 20.23
C GLU A 10 -3.82 -42.17 21.70
N VAL A 11 -3.05 -43.06 22.33
CA VAL A 11 -2.64 -42.87 23.72
C VAL A 11 -1.14 -43.07 23.73
N LYS A 12 -0.39 -42.08 24.24
CA LYS A 12 1.08 -42.12 24.26
C LYS A 12 1.72 -41.71 25.58
N LYS A 13 2.95 -42.19 25.81
CA LYS A 13 3.71 -41.82 27.00
C LYS A 13 4.58 -40.59 26.61
N PRO A 14 4.99 -39.75 27.59
CA PRO A 14 5.89 -38.64 27.25
C PRO A 14 7.18 -39.13 26.62
N GLY A 15 7.65 -38.40 25.61
CA GLY A 15 8.85 -38.79 24.85
C GLY A 15 8.54 -39.60 23.59
N ALA A 16 7.34 -40.19 23.49
CA ALA A 16 7.00 -41.03 22.33
C ALA A 16 6.59 -40.16 21.11
N SER A 17 6.21 -40.80 20.01
CA SER A 17 5.78 -40.11 18.79
CA SER A 17 5.76 -40.08 18.81
C SER A 17 4.40 -40.60 18.39
N VAL A 18 3.67 -39.77 17.65
CA VAL A 18 2.36 -40.14 17.15
C VAL A 18 2.30 -39.72 15.69
N LYS A 19 1.65 -40.52 14.85
CA LYS A 19 1.42 -40.21 13.43
C LYS A 19 -0.07 -40.31 13.14
N VAL A 20 -0.68 -39.17 12.80
CA VAL A 20 -2.13 -39.10 12.53
C VAL A 20 -2.31 -38.91 11.01
N SER A 21 -3.30 -39.55 10.43
CA SER A 21 -3.60 -39.46 8.99
C SER A 21 -4.93 -38.72 8.75
N CYS A 22 -5.08 -38.22 7.53
CA CYS A 22 -6.22 -37.45 7.12
C CYS A 22 -6.40 -37.74 5.64
N LYS A 23 -7.40 -38.60 5.31
CA LYS A 23 -7.65 -38.99 3.93
C LYS A 23 -8.73 -38.12 3.32
N ALA A 24 -8.42 -37.49 2.16
CA ALA A 24 -9.34 -36.62 1.45
C ALA A 24 -10.08 -37.36 0.35
N SER A 25 -11.38 -37.06 0.16
CA SER A 25 -12.21 -37.71 -0.88
CA SER A 25 -12.13 -37.67 -0.94
C SER A 25 -13.22 -36.74 -1.41
N GLY A 26 -13.64 -36.95 -2.66
CA GLY A 26 -14.70 -36.17 -3.28
C GLY A 26 -14.40 -34.79 -3.79
N TYR A 27 -13.13 -34.38 -3.82
CA TYR A 27 -12.76 -33.07 -4.36
C TYR A 27 -11.37 -33.17 -4.97
N GLU A 28 -10.94 -32.15 -5.71
CA GLU A 28 -9.62 -32.14 -6.36
C GLU A 28 -8.57 -31.89 -5.30
N PHE A 29 -7.88 -32.97 -4.88
CA PHE A 29 -6.87 -32.95 -3.81
C PHE A 29 -5.83 -31.82 -3.94
N THR A 30 -5.35 -31.58 -5.19
CA THR A 30 -4.29 -30.61 -5.50
C THR A 30 -4.73 -29.16 -5.43
N SER A 31 -6.05 -28.90 -5.28
CA SER A 31 -6.62 -27.55 -5.26
C SER A 31 -6.68 -26.92 -3.88
N TYR A 32 -6.37 -27.66 -2.81
CA TYR A 32 -6.54 -27.09 -1.47
C TYR A 32 -5.37 -27.36 -0.59
N TRP A 33 -4.95 -26.35 0.21
CA TRP A 33 -3.96 -26.60 1.28
C TRP A 33 -4.65 -27.48 2.31
N ILE A 34 -3.90 -28.32 3.05
CA ILE A 34 -4.46 -29.05 4.18
C ILE A 34 -3.70 -28.57 5.42
N HIS A 35 -4.43 -28.09 6.42
CA HIS A 35 -3.89 -27.59 7.69
C HIS A 35 -4.10 -28.61 8.79
N TRP A 36 -3.25 -28.55 9.82
CA TRP A 36 -3.45 -29.32 11.04
C TRP A 36 -3.65 -28.30 12.17
N VAL A 37 -4.77 -28.41 12.90
CA VAL A 37 -5.11 -27.47 13.99
C VAL A 37 -5.48 -28.30 15.19
N ARG A 38 -5.01 -27.94 16.41
CA ARG A 38 -5.38 -28.74 17.59
C ARG A 38 -6.16 -27.97 18.61
N GLN A 39 -6.87 -28.69 19.45
CA GLN A 39 -7.67 -28.07 20.49
C GLN A 39 -7.54 -28.90 21.76
N ALA A 40 -6.84 -28.33 22.77
CA ALA A 40 -6.73 -28.97 24.09
C ALA A 40 -8.11 -28.97 24.76
N PRO A 41 -8.39 -29.92 25.70
CA PRO A 41 -9.74 -29.98 26.29
C PRO A 41 -10.16 -28.67 26.96
N GLY A 42 -11.31 -28.15 26.51
CA GLY A 42 -11.89 -26.89 27.01
C GLY A 42 -11.20 -25.60 26.55
N GLN A 43 -10.17 -25.69 25.67
CA GLN A 43 -9.43 -24.52 25.17
C GLN A 43 -9.77 -24.17 23.72
N GLY A 44 -9.06 -23.21 23.17
CA GLY A 44 -9.24 -22.70 21.81
C GLY A 44 -8.47 -23.50 20.77
N LEU A 45 -8.27 -22.90 19.59
CA LEU A 45 -7.66 -23.57 18.44
C LEU A 45 -6.22 -23.10 18.24
N GLU A 46 -5.32 -24.03 17.95
CA GLU A 46 -3.91 -23.72 17.74
C GLU A 46 -3.40 -24.37 16.44
N TRP A 47 -2.86 -23.55 15.53
CA TRP A 47 -2.37 -24.04 14.24
C TRP A 47 -1.04 -24.76 14.37
N MET A 48 -0.96 -26.03 13.90
CA MET A 48 0.28 -26.82 13.95
C MET A 48 1.14 -26.52 12.72
N GLY A 49 0.47 -26.44 11.57
CA GLY A 49 1.16 -26.21 10.29
C GLY A 49 0.28 -26.70 9.15
N ASN A 50 0.85 -26.79 7.96
CA ASN A 50 0.07 -27.26 6.81
C ASN A 50 0.96 -27.93 5.81
N ILE A 51 0.38 -28.39 4.71
CA ILE A 51 1.15 -29.03 3.64
C ILE A 51 0.50 -28.77 2.31
N SER A 52 1.35 -28.63 1.26
CA SER A 52 0.88 -28.48 -0.10
C SER A 52 0.66 -29.89 -0.68
N PRO A 53 -0.56 -30.26 -1.10
CA PRO A 53 -0.75 -31.59 -1.70
C PRO A 53 0.04 -31.76 -3.00
N ASN A 54 0.43 -30.66 -3.66
CA ASN A 54 1.20 -30.68 -4.91
C ASN A 54 2.69 -30.96 -4.68
N SER A 55 3.42 -30.01 -4.07
CA SER A 55 4.86 -30.13 -3.81
C SER A 55 5.18 -31.10 -2.67
N GLY A 56 4.24 -31.29 -1.74
CA GLY A 56 4.51 -32.12 -0.58
C GLY A 56 5.34 -31.37 0.45
N SER A 57 5.56 -30.04 0.24
CA SER A 57 6.32 -29.21 1.17
C SER A 57 5.41 -28.69 2.26
N ALA A 58 5.85 -28.81 3.49
CA ALA A 58 5.07 -28.42 4.65
C ALA A 58 5.54 -27.11 5.25
N ASN A 59 4.64 -26.42 5.97
CA ASN A 59 4.95 -25.19 6.70
C ASN A 59 4.56 -25.45 8.14
N TYR A 60 5.46 -25.18 9.06
CA TYR A 60 5.19 -25.45 10.48
C TYR A 60 5.12 -24.22 11.37
N ASN A 61 4.34 -24.34 12.45
CA ASN A 61 4.31 -23.31 13.48
C ASN A 61 5.70 -23.47 14.16
N GLU A 62 6.47 -22.37 14.34
CA GLU A 62 7.83 -22.44 14.93
C GLU A 62 7.84 -23.13 16.32
N LYS A 63 6.71 -23.08 17.04
CA LYS A 63 6.56 -23.76 18.34
C LYS A 63 6.77 -25.29 18.21
N PHE A 64 6.48 -25.89 17.04
CA PHE A 64 6.53 -27.35 16.82
C PHE A 64 7.49 -27.81 15.77
N LYS A 65 7.99 -26.89 14.93
CA LYS A 65 8.86 -27.25 13.79
C LYS A 65 9.99 -28.25 14.08
N SER A 66 10.57 -28.20 15.29
CA SER A 66 11.70 -29.08 15.62
C SER A 66 11.29 -30.51 15.97
N ARG A 67 9.99 -30.76 16.15
CA ARG A 67 9.51 -32.09 16.50
C ARG A 67 8.25 -32.50 15.75
N VAL A 68 7.96 -31.86 14.59
CA VAL A 68 6.78 -32.20 13.78
C VAL A 68 7.20 -32.37 12.31
N THR A 69 6.59 -33.36 11.63
CA THR A 69 6.78 -33.61 10.21
CA THR A 69 6.77 -33.59 10.19
C THR A 69 5.41 -33.84 9.57
N MET A 70 5.15 -33.19 8.46
CA MET A 70 3.88 -33.39 7.78
C MET A 70 4.24 -33.91 6.39
N THR A 71 3.52 -34.93 5.93
CA THR A 71 3.81 -35.52 4.60
C THR A 71 2.51 -35.80 3.87
N ARG A 72 2.59 -36.04 2.55
CA ARG A 72 1.39 -36.37 1.82
C ARG A 72 1.69 -37.53 0.87
N ASP A 73 0.68 -38.33 0.63
CA ASP A 73 0.74 -39.46 -0.29
C ASP A 73 -0.29 -39.17 -1.37
N THR A 74 0.22 -38.79 -2.55
CA THR A 74 -0.57 -38.47 -3.71
C THR A 74 -1.51 -39.64 -4.12
N SER A 75 -1.00 -40.89 -4.10
CA SER A 75 -1.77 -42.05 -4.55
C SER A 75 -3.03 -42.30 -3.76
N THR A 76 -3.02 -42.01 -2.44
CA THR A 76 -4.19 -42.23 -1.58
C THR A 76 -4.85 -40.92 -1.11
N SER A 77 -4.36 -39.75 -1.62
CA SER A 77 -4.89 -38.42 -1.22
CA SER A 77 -4.82 -38.41 -1.22
C SER A 77 -4.91 -38.31 0.31
N THR A 78 -3.84 -38.77 0.97
CA THR A 78 -3.74 -38.76 2.43
C THR A 78 -2.61 -37.86 2.88
N VAL A 79 -2.87 -37.13 3.97
CA VAL A 79 -1.84 -36.30 4.55
CA VAL A 79 -1.90 -36.23 4.58
C VAL A 79 -1.63 -36.83 5.97
N TYR A 80 -0.42 -36.68 6.46
CA TYR A 80 0.00 -37.19 7.76
C TYR A 80 0.65 -36.12 8.58
N MET A 81 0.52 -36.22 9.91
CA MET A 81 1.23 -35.32 10.81
C MET A 81 1.89 -36.24 11.84
N GLU A 82 3.21 -36.19 11.95
CA GLU A 82 3.94 -36.97 12.95
C GLU A 82 4.50 -36.01 13.97
N LEU A 83 4.07 -36.14 15.24
CA LEU A 83 4.50 -35.26 16.31
C LEU A 83 5.33 -36.10 17.27
N SER A 84 6.60 -35.71 17.48
CA SER A 84 7.56 -36.45 18.31
CA SER A 84 7.52 -36.48 18.33
C SER A 84 7.88 -35.73 19.62
N SER A 85 8.68 -36.37 20.52
CA SER A 85 9.05 -35.80 21.82
C SER A 85 7.77 -35.28 22.49
N LEU A 86 6.74 -36.11 22.48
CA LEU A 86 5.43 -35.78 23.05
C LEU A 86 5.49 -35.44 24.54
N ARG A 87 4.68 -34.47 24.95
CA ARG A 87 4.58 -34.08 26.35
C ARG A 87 3.09 -34.00 26.70
N SER A 88 2.75 -34.03 28.01
CA SER A 88 1.33 -34.00 28.45
C SER A 88 0.54 -32.83 27.84
N GLU A 89 1.19 -31.68 27.68
CA GLU A 89 0.59 -30.47 27.07
C GLU A 89 0.17 -30.70 25.59
N ASP A 90 0.58 -31.80 24.96
CA ASP A 90 0.14 -32.11 23.59
C ASP A 90 -1.20 -32.84 23.60
N THR A 91 -1.76 -33.17 24.81
CA THR A 91 -3.09 -33.83 24.88
C THR A 91 -4.12 -32.88 24.25
N ALA A 92 -4.74 -33.33 23.18
CA ALA A 92 -5.68 -32.49 22.41
C ALA A 92 -6.37 -33.29 21.33
N VAL A 93 -7.44 -32.71 20.74
CA VAL A 93 -8.06 -33.25 19.54
C VAL A 93 -7.34 -32.56 18.40
N TYR A 94 -6.78 -33.34 17.47
CA TYR A 94 -6.06 -32.80 16.32
C TYR A 94 -6.98 -32.88 15.11
N TYR A 95 -7.22 -31.75 14.43
CA TYR A 95 -8.07 -31.73 13.24
C TYR A 95 -7.24 -31.47 12.00
N CYS A 96 -7.67 -32.01 10.87
CA CYS A 96 -7.13 -31.55 9.58
C CYS A 96 -8.28 -30.73 8.96
N ALA A 97 -7.92 -29.72 8.15
CA ALA A 97 -8.92 -28.85 7.50
C ALA A 97 -8.37 -28.36 6.17
N ARG A 98 -9.23 -28.19 5.18
CA ARG A 98 -8.79 -27.71 3.86
C ARG A 98 -9.09 -26.21 3.67
N GLU A 99 -8.24 -25.53 2.88
CA GLU A 99 -8.43 -24.13 2.52
C GLU A 99 -8.16 -24.03 1.02
N GLY A 100 -9.14 -23.50 0.30
CA GLY A 100 -9.02 -23.33 -1.15
C GLY A 100 -10.37 -23.08 -1.78
N PRO A 101 -10.49 -23.23 -3.12
CA PRO A 101 -9.45 -23.66 -4.07
C PRO A 101 -8.49 -22.55 -4.47
N TYR A 102 -7.26 -22.91 -4.78
CA TYR A 102 -6.23 -21.99 -5.28
C TYR A 102 -5.63 -22.61 -6.55
N SER A 103 -5.16 -21.75 -7.46
CA SER A 103 -4.54 -22.22 -8.72
C SER A 103 -3.10 -21.65 -8.80
N TYR A 104 -2.57 -21.49 -10.03
CA TYR A 104 -1.25 -20.92 -10.26
C TYR A 104 -1.28 -19.39 -10.28
N TYR A 105 -2.46 -18.78 -10.17
CA TYR A 105 -2.59 -17.34 -10.18
C TYR A 105 -2.66 -16.89 -8.73
N PRO A 106 -1.57 -16.33 -8.14
CA PRO A 106 -1.62 -15.97 -6.72
C PRO A 106 -2.57 -14.81 -6.42
N SER A 107 -3.05 -14.80 -5.19
CA SER A 107 -3.94 -13.73 -4.74
C SER A 107 -3.60 -13.49 -3.30
N ARG A 108 -3.97 -12.32 -2.78
CA ARG A 108 -3.81 -11.97 -1.38
C ARG A 108 -5.21 -11.96 -0.72
N GLU A 109 -6.21 -12.56 -1.39
CA GLU A 109 -7.58 -12.73 -0.87
C GLU A 109 -7.76 -14.20 -0.62
N TYR A 110 -7.92 -14.59 0.67
CA TYR A 110 -7.99 -16.00 0.95
C TYR A 110 -9.35 -16.50 1.34
N TYR A 111 -9.56 -17.83 1.15
CA TYR A 111 -10.75 -18.50 1.60
C TYR A 111 -10.50 -18.88 3.07
N GLY A 112 -11.54 -19.24 3.79
CA GLY A 112 -11.40 -19.75 5.14
C GLY A 112 -11.20 -21.27 5.06
N SER A 113 -11.17 -21.97 6.22
CA SER A 113 -11.02 -23.44 6.19
C SER A 113 -12.46 -24.03 6.20
N ASP A 114 -12.96 -24.48 5.03
CA ASP A 114 -14.37 -24.85 4.92
C ASP A 114 -14.73 -26.32 5.16
N LEU A 115 -13.76 -27.23 5.15
CA LEU A 115 -14.05 -28.66 5.35
C LEU A 115 -13.04 -29.15 6.36
N TRP A 116 -13.55 -29.75 7.43
CA TRP A 116 -12.74 -30.24 8.55
C TRP A 116 -12.90 -31.74 8.73
N GLY A 117 -11.82 -32.42 9.16
CA GLY A 117 -11.88 -33.84 9.52
C GLY A 117 -12.69 -33.98 10.83
N GLN A 118 -12.99 -35.21 11.25
CA GLN A 118 -13.77 -35.46 12.47
C GLN A 118 -12.94 -35.25 13.77
N GLY A 119 -11.63 -35.10 13.64
CA GLY A 119 -10.70 -34.94 14.76
C GLY A 119 -10.17 -36.27 15.28
N THR A 120 -8.96 -36.26 15.81
CA THR A 120 -8.31 -37.44 16.41
C THR A 120 -7.86 -37.00 17.82
N LEU A 121 -8.34 -37.69 18.84
CA LEU A 121 -7.88 -37.40 20.22
C LEU A 121 -6.52 -38.09 20.41
N VAL A 122 -5.53 -37.32 20.85
CA VAL A 122 -4.22 -37.86 21.22
C VAL A 122 -4.07 -37.52 22.70
N THR A 123 -3.96 -38.54 23.58
CA THR A 123 -3.75 -38.30 25.02
C THR A 123 -2.29 -38.67 25.34
N VAL A 124 -1.56 -37.72 25.94
CA VAL A 124 -0.17 -37.94 26.31
C VAL A 124 -0.09 -37.85 27.83
N SER A 125 0.36 -38.95 28.44
CA SER A 125 0.46 -39.03 29.89
C SER A 125 1.37 -40.15 30.32
N SER A 126 1.87 -40.08 31.57
CA SER A 126 2.67 -41.17 32.15
C SER A 126 1.75 -42.32 32.58
N ALA A 127 0.43 -42.07 32.67
CA ALA A 127 -0.55 -43.10 33.06
C ALA A 127 -0.69 -44.19 32.00
N SER A 128 -1.11 -45.37 32.45
CA SER A 128 -1.40 -46.50 31.56
C SER A 128 -2.90 -46.73 31.49
N THR A 129 -3.36 -47.26 30.36
CA THR A 129 -4.76 -47.59 30.10
C THR A 129 -5.35 -48.40 31.26
N LYS A 130 -6.45 -47.88 31.86
CA LYS A 130 -7.07 -48.50 33.00
C LYS A 130 -8.58 -48.28 32.95
N GLY A 131 -9.33 -49.36 33.17
CA GLY A 131 -10.78 -49.31 33.21
C GLY A 131 -11.25 -48.67 34.51
N PRO A 132 -12.47 -48.11 34.54
CA PRO A 132 -12.96 -47.49 35.78
C PRO A 132 -13.50 -48.46 36.82
N SER A 133 -13.54 -48.01 38.07
CA SER A 133 -14.26 -48.61 39.18
C SER A 133 -15.59 -47.82 39.20
N VAL A 134 -16.74 -48.52 39.27
CA VAL A 134 -18.09 -47.88 39.25
C VAL A 134 -18.76 -48.11 40.59
N PHE A 135 -19.06 -47.00 41.29
CA PHE A 135 -19.68 -47.02 42.61
C PHE A 135 -21.08 -46.45 42.58
N PRO A 136 -22.05 -46.97 43.35
CA PRO A 136 -23.41 -46.37 43.30
C PRO A 136 -23.46 -45.07 44.09
N LEU A 137 -24.35 -44.17 43.67
CA LEU A 137 -24.65 -42.91 44.35
C LEU A 137 -26.09 -43.04 44.78
N ALA A 138 -26.32 -43.21 46.07
CA ALA A 138 -27.68 -43.40 46.59
C ALA A 138 -27.84 -42.66 47.90
N PRO A 139 -29.04 -42.11 48.21
CA PRO A 139 -29.20 -41.38 49.49
C PRO A 139 -28.91 -42.24 50.71
N CYS A 140 -28.46 -41.61 51.81
CA CYS A 140 -28.18 -42.26 53.09
C CYS A 140 -29.44 -43.04 53.57
N SER A 141 -30.64 -42.44 53.39
CA SER A 141 -31.95 -43.03 53.72
C SER A 141 -33.03 -42.44 52.83
N THR A 144 -37.19 -40.16 53.18
CA THR A 144 -37.34 -39.33 51.98
C THR A 144 -38.78 -38.76 51.87
N SER A 145 -38.96 -37.50 52.34
CA SER A 145 -40.24 -36.77 52.34
C SER A 145 -40.49 -35.98 51.04
N GLU A 146 -39.43 -35.74 50.24
CA GLU A 146 -39.51 -35.05 48.94
C GLU A 146 -40.13 -35.99 47.89
N SER A 147 -40.73 -35.42 46.82
CA SER A 147 -41.37 -36.21 45.76
C SER A 147 -40.38 -36.70 44.70
N THR A 148 -39.21 -36.02 44.60
CA THR A 148 -38.15 -36.39 43.66
C THR A 148 -36.90 -36.83 44.41
N ALA A 149 -36.25 -37.89 43.91
CA ALA A 149 -35.00 -38.37 44.50
C ALA A 149 -33.95 -38.44 43.41
N ALA A 150 -32.69 -38.40 43.79
CA ALA A 150 -31.59 -38.49 42.84
C ALA A 150 -30.83 -39.78 43.13
N LEU A 151 -30.36 -40.39 42.04
CA LEU A 151 -29.55 -41.60 42.06
C LEU A 151 -28.42 -41.40 41.07
N GLY A 152 -27.40 -42.22 41.16
CA GLY A 152 -26.34 -42.14 40.15
C GLY A 152 -25.24 -43.15 40.28
N CYS A 153 -24.18 -43.01 39.43
CA CYS A 153 -22.99 -43.83 39.52
CA CYS A 153 -22.98 -43.82 39.53
C CYS A 153 -21.74 -42.96 39.45
N LEU A 154 -20.76 -43.26 40.29
CA LEU A 154 -19.47 -42.57 40.33
C LEU A 154 -18.51 -43.49 39.53
N VAL A 155 -17.99 -42.96 38.40
CA VAL A 155 -17.11 -43.66 37.45
C VAL A 155 -15.71 -43.15 37.73
N LYS A 156 -14.96 -43.89 38.53
CA LYS A 156 -13.71 -43.39 39.05
C LYS A 156 -12.45 -44.08 38.50
N ASP A 157 -11.36 -43.30 38.36
CA ASP A 157 -10.00 -43.75 38.11
C ASP A 157 -9.80 -44.52 36.85
N TYR A 158 -10.18 -43.91 35.73
CA TYR A 158 -9.96 -44.56 34.45
C TYR A 158 -9.01 -43.73 33.63
N PHE A 159 -8.48 -44.34 32.57
CA PHE A 159 -7.58 -43.65 31.67
C PHE A 159 -7.50 -44.43 30.36
N PRO A 160 -7.47 -43.76 29.20
CA PRO A 160 -7.64 -42.32 28.96
C PRO A 160 -9.13 -42.03 28.81
N GLU A 161 -9.49 -40.84 28.31
CA GLU A 161 -10.88 -40.54 27.95
C GLU A 161 -11.12 -41.32 26.62
N PRO A 162 -12.39 -41.59 26.21
CA PRO A 162 -13.65 -41.22 26.84
C PRO A 162 -14.35 -42.41 27.50
N VAL A 163 -15.38 -42.10 28.30
CA VAL A 163 -16.29 -43.08 28.91
C VAL A 163 -17.68 -42.65 28.43
N THR A 164 -18.58 -43.62 28.17
CA THR A 164 -19.98 -43.29 27.87
C THR A 164 -20.82 -43.96 28.96
N VAL A 165 -21.94 -43.34 29.32
CA VAL A 165 -22.81 -43.88 30.35
C VAL A 165 -24.23 -43.82 29.84
N SER A 166 -25.01 -44.90 30.03
CA SER A 166 -26.45 -44.91 29.74
C SER A 166 -27.14 -45.41 31.00
N TRP A 167 -28.48 -45.28 31.06
CA TRP A 167 -29.23 -45.76 32.19
C TRP A 167 -30.27 -46.75 31.65
N ASN A 168 -30.39 -47.93 32.28
CA ASN A 168 -31.33 -48.99 31.86
C ASN A 168 -31.23 -49.26 30.34
N SER A 169 -29.99 -49.41 29.82
CA SER A 169 -29.64 -49.68 28.44
C SER A 169 -30.22 -48.69 27.45
N GLY A 170 -30.27 -47.42 27.86
CA GLY A 170 -30.76 -46.34 27.01
C GLY A 170 -32.26 -46.10 27.10
N ALA A 171 -32.99 -46.90 27.92
CA ALA A 171 -34.44 -46.71 28.07
C ALA A 171 -34.74 -45.49 28.95
N LEU A 172 -33.83 -45.17 29.89
CA LEU A 172 -33.96 -44.02 30.78
C LEU A 172 -33.03 -42.87 30.32
N THR A 173 -33.65 -41.80 29.73
CA THR A 173 -32.91 -40.64 29.21
C THR A 173 -33.34 -39.33 29.90
N SER A 174 -34.62 -39.21 30.26
CA SER A 174 -35.15 -37.98 30.87
C SER A 174 -34.57 -37.75 32.29
N GLY A 175 -34.05 -36.54 32.55
CA GLY A 175 -33.49 -36.19 33.85
C GLY A 175 -32.10 -36.72 34.12
N VAL A 176 -31.43 -37.27 33.09
CA VAL A 176 -30.06 -37.80 33.25
C VAL A 176 -29.07 -36.66 33.02
N HIS A 177 -28.05 -36.56 33.87
CA HIS A 177 -26.92 -35.62 33.70
C HIS A 177 -25.64 -36.42 33.87
N THR A 178 -24.91 -36.60 32.78
CA THR A 178 -23.63 -37.28 32.80
C THR A 178 -22.60 -36.16 32.74
N PHE A 179 -21.86 -35.98 33.82
CA PHE A 179 -20.93 -34.87 33.92
C PHE A 179 -19.67 -35.06 33.10
N PRO A 180 -19.07 -33.95 32.59
CA PRO A 180 -17.75 -34.07 31.95
C PRO A 180 -16.74 -34.60 32.98
N ALA A 181 -15.80 -35.43 32.52
CA ALA A 181 -14.76 -35.94 33.38
C ALA A 181 -13.85 -34.85 33.91
N VAL A 182 -13.29 -35.08 35.10
CA VAL A 182 -12.28 -34.22 35.69
C VAL A 182 -10.99 -35.03 35.70
N LEU A 183 -9.87 -34.35 35.41
CA LEU A 183 -8.58 -35.02 35.47
C LEU A 183 -8.08 -34.83 36.89
N GLN A 184 -7.96 -35.93 37.65
CA GLN A 184 -7.56 -35.88 39.06
C GLN A 184 -6.05 -35.61 39.18
N SER A 185 -5.58 -35.28 40.42
CA SER A 185 -4.16 -35.04 40.69
C SER A 185 -3.33 -36.30 40.39
N SER A 186 -3.98 -37.47 40.47
CA SER A 186 -3.41 -38.78 40.20
C SER A 186 -3.10 -39.02 38.72
N GLY A 187 -3.67 -38.20 37.82
CA GLY A 187 -3.50 -38.38 36.37
C GLY A 187 -4.56 -39.28 35.79
N LEU A 188 -5.52 -39.72 36.65
CA LEU A 188 -6.63 -40.58 36.21
C LEU A 188 -7.90 -39.72 36.15
N TYR A 189 -8.86 -40.11 35.32
CA TYR A 189 -10.09 -39.33 35.19
C TYR A 189 -11.20 -39.89 36.07
N SER A 190 -12.20 -39.04 36.34
CA SER A 190 -13.38 -39.45 37.11
CA SER A 190 -13.38 -39.44 37.13
C SER A 190 -14.57 -38.64 36.65
N LEU A 191 -15.72 -39.24 36.66
CA LEU A 191 -16.97 -38.54 36.32
C LEU A 191 -18.10 -39.20 37.10
N SER A 192 -19.23 -38.51 37.23
CA SER A 192 -20.44 -39.06 37.81
C SER A 192 -21.56 -38.90 36.79
N SER A 193 -22.56 -39.81 36.86
CA SER A 193 -23.75 -39.74 36.04
C SER A 193 -24.90 -39.85 37.03
N VAL A 194 -25.86 -38.91 36.94
CA VAL A 194 -26.97 -38.88 37.86
C VAL A 194 -28.29 -38.87 37.13
N VAL A 195 -29.37 -39.20 37.85
CA VAL A 195 -30.72 -39.13 37.29
C VAL A 195 -31.67 -38.78 38.45
N THR A 196 -32.66 -37.90 38.18
CA THR A 196 -33.69 -37.59 39.18
C THR A 196 -34.92 -38.37 38.78
N VAL A 197 -35.55 -38.99 39.76
CA VAL A 197 -36.71 -39.85 39.52
C VAL A 197 -37.77 -39.62 40.59
N PRO A 198 -39.04 -40.07 40.38
CA PRO A 198 -40.04 -39.94 41.46
C PRO A 198 -39.59 -40.79 42.64
N SER A 199 -39.64 -40.25 43.86
CA SER A 199 -39.24 -40.96 45.08
C SER A 199 -40.05 -42.24 45.35
N SER A 200 -41.30 -42.26 44.86
CA SER A 200 -42.20 -43.43 44.99
C SER A 200 -41.69 -44.65 44.18
N SER A 201 -40.90 -44.40 43.11
CA SER A 201 -40.35 -45.43 42.22
C SER A 201 -39.18 -46.21 42.83
N LEU A 202 -38.55 -45.67 43.91
CA LEU A 202 -37.43 -46.33 44.58
C LEU A 202 -37.98 -47.55 45.33
N GLY A 203 -37.45 -48.73 45.01
CA GLY A 203 -37.89 -49.96 45.65
C GLY A 203 -38.89 -50.74 44.82
N THR A 204 -39.36 -50.15 43.71
CA THR A 204 -40.27 -50.79 42.76
C THR A 204 -39.57 -50.91 41.40
N LYS A 205 -39.11 -49.76 40.86
CA LYS A 205 -38.40 -49.65 39.57
C LYS A 205 -36.91 -49.89 39.79
N THR A 206 -36.23 -50.54 38.82
CA THR A 206 -34.78 -50.81 38.94
C THR A 206 -34.01 -49.77 38.14
N TYR A 207 -32.88 -49.36 38.67
CA TYR A 207 -32.04 -48.34 38.02
C TYR A 207 -30.65 -48.87 37.90
N THR A 208 -30.20 -49.08 36.67
CA THR A 208 -28.87 -49.63 36.41
C THR A 208 -28.10 -48.67 35.49
N CYS A 209 -26.85 -48.35 35.83
CA CYS A 209 -26.03 -47.53 34.95
CA CYS A 209 -26.08 -47.54 34.90
C CYS A 209 -25.11 -48.42 34.12
N ASN A 210 -24.98 -48.13 32.82
CA ASN A 210 -24.16 -48.93 31.92
C ASN A 210 -22.98 -48.06 31.51
N VAL A 211 -21.77 -48.47 31.93
CA VAL A 211 -20.52 -47.73 31.66
C VAL A 211 -19.70 -48.46 30.64
N ASP A 212 -19.33 -47.76 29.56
CA ASP A 212 -18.52 -48.33 28.48
C ASP A 212 -17.22 -47.51 28.39
N HIS A 213 -16.07 -48.20 28.53
CA HIS A 213 -14.74 -47.58 28.38
C HIS A 213 -14.03 -48.35 27.27
N LYS A 214 -14.29 -47.95 26.01
CA LYS A 214 -13.73 -48.60 24.82
C LYS A 214 -12.20 -48.69 24.85
N PRO A 215 -11.42 -47.64 25.27
CA PRO A 215 -9.94 -47.78 25.32
C PRO A 215 -9.41 -49.00 26.09
N SER A 216 -10.09 -49.41 27.17
CA SER A 216 -9.64 -50.58 27.94
C SER A 216 -10.53 -51.81 27.68
N ASN A 217 -11.44 -51.74 26.69
CA ASN A 217 -12.41 -52.80 26.35
C ASN A 217 -13.23 -53.23 27.60
N THR A 218 -13.63 -52.26 28.43
CA THR A 218 -14.35 -52.50 29.69
C THR A 218 -15.80 -52.05 29.56
N LYS A 219 -16.71 -52.91 30.03
CA LYS A 219 -18.16 -52.66 30.11
C LYS A 219 -18.59 -53.05 31.52
N VAL A 220 -19.25 -52.13 32.23
CA VAL A 220 -19.71 -52.34 33.63
C VAL A 220 -21.20 -51.96 33.73
N ASP A 221 -22.00 -52.82 34.38
CA ASP A 221 -23.40 -52.52 34.71
C ASP A 221 -23.44 -52.43 36.21
N LYS A 222 -24.01 -51.35 36.77
CA LYS A 222 -24.07 -51.23 38.24
C LYS A 222 -25.50 -50.99 38.63
N ARG A 223 -26.09 -51.91 39.39
CA ARG A 223 -27.47 -51.69 39.87
C ARG A 223 -27.38 -50.69 41.04
N VAL A 224 -28.20 -49.61 41.00
CA VAL A 224 -28.16 -48.61 42.07
C VAL A 224 -29.43 -48.73 42.91
N GLU B 1 4.02 -12.54 15.72
CA GLU B 1 2.81 -13.33 15.57
C GLU B 1 1.60 -12.45 15.90
N ILE B 2 0.48 -12.66 15.17
CA ILE B 2 -0.77 -11.93 15.37
C ILE B 2 -1.42 -12.43 16.65
N VAL B 3 -2.13 -11.55 17.37
CA VAL B 3 -2.95 -11.95 18.49
C VAL B 3 -4.36 -11.50 18.10
N LEU B 4 -5.35 -12.42 18.22
CA LEU B 4 -6.75 -12.07 17.95
C LEU B 4 -7.47 -12.09 19.29
N THR B 5 -8.14 -10.99 19.60
CA THR B 5 -8.86 -10.85 20.88
C THR B 5 -10.34 -10.75 20.59
N GLN B 6 -11.11 -11.70 21.15
CA GLN B 6 -12.57 -11.67 21.01
C GLN B 6 -13.24 -11.12 22.24
N SER B 7 -14.36 -10.45 22.02
CA SER B 7 -15.18 -9.82 23.04
CA SER B 7 -15.18 -9.88 23.07
C SER B 7 -16.66 -9.94 22.68
N PRO B 8 -17.59 -10.19 23.64
CA PRO B 8 -17.32 -10.47 25.07
C PRO B 8 -16.94 -11.95 25.16
N ALA B 9 -16.46 -12.43 26.31
CA ALA B 9 -16.11 -13.85 26.43
C ALA B 9 -17.37 -14.72 26.46
N THR B 10 -18.43 -14.19 27.11
CA THR B 10 -19.75 -14.83 27.17
CA THR B 10 -19.75 -14.83 27.22
C THR B 10 -20.82 -13.82 26.83
N LEU B 11 -21.79 -14.25 26.02
CA LEU B 11 -22.92 -13.43 25.62
C LEU B 11 -24.16 -14.26 26.00
N SER B 12 -25.01 -13.72 26.89
CA SER B 12 -26.24 -14.39 27.34
CA SER B 12 -26.24 -14.39 27.32
C SER B 12 -27.42 -13.65 26.72
N LEU B 13 -28.10 -14.29 25.79
CA LEU B 13 -29.21 -13.67 25.09
C LEU B 13 -30.36 -14.64 24.93
N SER B 14 -31.57 -14.10 24.65
CA SER B 14 -32.73 -14.94 24.40
C SER B 14 -32.86 -15.25 22.89
N PRO B 15 -33.48 -16.38 22.46
CA PRO B 15 -33.73 -16.57 21.02
C PRO B 15 -34.56 -15.39 20.49
N GLY B 16 -34.27 -14.98 19.27
CA GLY B 16 -34.93 -13.84 18.65
C GLY B 16 -34.12 -12.57 18.75
N GLU B 17 -33.20 -12.47 19.72
CA GLU B 17 -32.37 -11.27 19.90
C GLU B 17 -31.18 -11.23 18.93
N ARG B 18 -30.65 -10.02 18.71
CA ARG B 18 -29.48 -9.78 17.88
C ARG B 18 -28.22 -10.03 18.69
N ALA B 19 -27.23 -10.74 18.11
CA ALA B 19 -25.96 -11.01 18.76
C ALA B 19 -24.88 -10.26 17.97
N THR B 20 -24.03 -9.54 18.68
CA THR B 20 -22.91 -8.78 18.10
C THR B 20 -21.64 -9.26 18.76
N LEU B 21 -20.76 -9.89 17.98
CA LEU B 21 -19.49 -10.47 18.47
C LEU B 21 -18.33 -9.72 17.86
N SER B 22 -17.33 -9.40 18.68
CA SER B 22 -16.17 -8.64 18.22
C SER B 22 -14.88 -9.46 18.17
N CYS B 23 -14.04 -9.13 17.22
CA CYS B 23 -12.73 -9.71 17.01
C CYS B 23 -11.81 -8.54 16.68
N ARG B 24 -10.73 -8.42 17.40
CA ARG B 24 -9.74 -7.37 17.17
C ARG B 24 -8.38 -8.02 16.93
N ALA B 25 -7.68 -7.60 15.86
CA ALA B 25 -6.34 -8.10 15.56
C ALA B 25 -5.27 -7.13 16.08
N SER B 26 -4.16 -7.66 16.58
CA SER B 26 -3.03 -6.86 17.14
C SER B 26 -2.38 -5.98 16.07
N GLN B 27 -2.43 -6.40 14.80
CA GLN B 27 -1.91 -5.65 13.65
C GLN B 27 -2.72 -6.03 12.40
N SER B 28 -2.60 -5.25 11.32
CA SER B 28 -3.35 -5.50 10.08
C SER B 28 -3.29 -6.95 9.59
N ILE B 29 -4.44 -7.49 9.25
CA ILE B 29 -4.51 -8.84 8.65
C ILE B 29 -5.29 -8.66 7.35
N SER B 30 -5.29 -7.39 6.84
CA SER B 30 -6.06 -7.00 5.66
CA SER B 30 -6.06 -6.99 5.67
C SER B 30 -7.54 -7.41 5.97
N ASN B 31 -8.19 -8.09 5.07
CA ASN B 31 -9.57 -8.55 5.24
C ASN B 31 -9.62 -10.08 5.39
N ASN B 32 -8.46 -10.71 5.58
CA ASN B 32 -8.31 -12.18 5.69
C ASN B 32 -8.65 -12.66 7.10
N LEU B 33 -9.92 -12.43 7.48
CA LEU B 33 -10.47 -12.77 8.80
C LEU B 33 -11.74 -13.58 8.53
N HIS B 34 -11.84 -14.74 9.18
CA HIS B 34 -12.94 -15.68 8.94
C HIS B 34 -13.60 -16.05 10.25
N TRP B 35 -14.88 -16.41 10.21
CA TRP B 35 -15.63 -16.76 11.44
C TRP B 35 -16.09 -18.20 11.40
N TYR B 36 -16.00 -18.86 12.55
CA TYR B 36 -16.35 -20.26 12.72
C TYR B 36 -17.30 -20.44 13.89
N GLN B 37 -18.15 -21.49 13.80
CA GLN B 37 -19.05 -21.86 14.90
C GLN B 37 -18.57 -23.25 15.39
N GLN B 38 -18.65 -23.50 16.68
CA GLN B 38 -18.30 -24.81 17.20
C GLN B 38 -19.25 -25.24 18.26
N LYS B 39 -19.82 -26.44 18.09
CA LYS B 39 -20.71 -27.07 19.04
C LYS B 39 -19.97 -28.22 19.72
N PRO B 40 -20.34 -28.58 20.97
CA PRO B 40 -19.64 -29.67 21.67
C PRO B 40 -19.54 -30.97 20.88
N GLY B 41 -18.34 -31.55 20.89
CA GLY B 41 -18.05 -32.79 20.19
C GLY B 41 -18.01 -32.70 18.68
N GLN B 42 -17.98 -31.48 18.11
CA GLN B 42 -17.94 -31.31 16.66
C GLN B 42 -16.75 -30.44 16.28
N ALA B 43 -16.31 -30.56 15.00
CA ALA B 43 -15.25 -29.71 14.45
C ALA B 43 -15.83 -28.30 14.25
N PRO B 44 -14.98 -27.24 14.18
CA PRO B 44 -15.50 -25.92 13.84
C PRO B 44 -16.12 -25.93 12.45
N ARG B 45 -17.07 -25.03 12.25
CA ARG B 45 -17.79 -24.88 10.98
C ARG B 45 -17.62 -23.45 10.47
N LEU B 46 -17.22 -23.31 9.21
CA LEU B 46 -17.01 -21.97 8.61
C LEU B 46 -18.38 -21.29 8.34
N LEU B 47 -18.52 -20.04 8.79
CA LEU B 47 -19.76 -19.26 8.63
C LEU B 47 -19.63 -18.13 7.63
N ILE B 48 -18.54 -17.35 7.74
CA ILE B 48 -18.29 -16.16 6.92
C ILE B 48 -16.80 -16.17 6.60
N TYR B 49 -16.46 -15.81 5.35
CA TYR B 49 -15.03 -15.74 5.04
C TYR B 49 -14.66 -14.38 4.47
N TYR B 50 -13.36 -14.04 4.53
CA TYR B 50 -12.83 -12.78 4.01
C TYR B 50 -13.67 -11.59 4.52
N THR B 51 -13.83 -11.53 5.87
CA THR B 51 -14.56 -10.51 6.64
C THR B 51 -16.09 -10.57 6.45
N SER B 52 -16.59 -10.58 5.18
CA SER B 52 -18.03 -10.45 4.93
C SER B 52 -18.62 -11.37 3.88
N ARG B 53 -17.82 -12.23 3.26
CA ARG B 53 -18.33 -13.07 2.17
C ARG B 53 -19.11 -14.28 2.67
N SER B 54 -20.22 -14.55 1.98
CA SER B 54 -21.14 -15.62 2.28
C SER B 54 -20.53 -16.97 1.98
N VAL B 55 -20.91 -17.96 2.80
CA VAL B 55 -20.44 -19.33 2.69
C VAL B 55 -21.68 -20.16 2.27
N SER B 56 -21.47 -21.04 1.30
CA SER B 56 -22.55 -21.88 0.78
C SER B 56 -23.30 -22.66 1.88
N GLY B 57 -24.61 -22.49 1.90
CA GLY B 57 -25.49 -23.19 2.83
C GLY B 57 -25.62 -22.57 4.21
N ILE B 58 -24.93 -21.44 4.47
CA ILE B 58 -25.04 -20.78 5.78
C ILE B 58 -26.27 -19.84 5.78
N PRO B 59 -27.11 -19.87 6.83
CA PRO B 59 -28.30 -19.00 6.87
C PRO B 59 -27.97 -17.53 6.76
N ALA B 60 -28.91 -16.78 6.18
CA ALA B 60 -28.80 -15.33 5.96
C ALA B 60 -28.55 -14.50 7.24
N ARG B 61 -29.04 -14.99 8.39
CA ARG B 61 -28.93 -14.24 9.65
C ARG B 61 -27.46 -13.99 10.11
N PHE B 62 -26.48 -14.73 9.57
CA PHE B 62 -25.06 -14.49 9.89
C PHE B 62 -24.47 -13.53 8.89
N SER B 63 -23.86 -12.46 9.37
CA SER B 63 -23.18 -11.52 8.47
C SER B 63 -21.95 -11.01 9.16
N GLY B 64 -20.97 -10.60 8.38
CA GLY B 64 -19.72 -10.09 8.92
C GLY B 64 -19.35 -8.74 8.38
N SER B 65 -18.64 -7.96 9.20
CA SER B 65 -18.15 -6.63 8.80
C SER B 65 -16.85 -6.33 9.44
N GLY B 66 -16.21 -5.28 8.98
CA GLY B 66 -14.94 -4.90 9.55
C GLY B 66 -14.47 -3.57 9.06
N SER B 67 -13.52 -3.00 9.79
CA SER B 67 -12.88 -1.72 9.53
C SER B 67 -11.58 -1.75 10.29
N GLY B 68 -10.48 -1.66 9.54
CA GLY B 68 -9.12 -1.72 10.09
C GLY B 68 -8.79 -3.08 10.69
N THR B 69 -8.44 -3.09 11.97
CA THR B 69 -8.11 -4.30 12.77
C THR B 69 -9.30 -4.67 13.65
N ASP B 70 -10.51 -4.18 13.30
CA ASP B 70 -11.70 -4.45 14.08
C ASP B 70 -12.72 -5.17 13.23
N PHE B 71 -13.18 -6.31 13.72
CA PHE B 71 -14.13 -7.15 12.99
C PHE B 71 -15.35 -7.51 13.83
N THR B 72 -16.49 -7.72 13.15
CA THR B 72 -17.72 -8.02 13.84
C THR B 72 -18.49 -9.12 13.15
N LEU B 73 -19.01 -10.07 13.94
CA LEU B 73 -19.94 -11.09 13.42
C LEU B 73 -21.29 -10.73 14.02
N THR B 74 -22.30 -10.59 13.17
CA THR B 74 -23.65 -10.32 13.65
C THR B 74 -24.56 -11.50 13.35
N ILE B 75 -25.38 -11.88 14.34
CA ILE B 75 -26.45 -12.88 14.14
C ILE B 75 -27.71 -12.02 14.33
N SER B 76 -28.41 -11.71 13.22
CA SER B 76 -29.54 -10.76 13.26
C SER B 76 -30.65 -11.12 14.23
N SER B 77 -30.97 -12.41 14.35
CA SER B 77 -32.02 -12.91 15.24
C SER B 77 -31.65 -14.35 15.58
N LEU B 78 -31.25 -14.58 16.85
CA LEU B 78 -30.79 -15.88 17.31
C LEU B 78 -31.83 -16.97 17.20
N GLU B 79 -31.41 -18.12 16.67
CA GLU B 79 -32.24 -19.32 16.63
C GLU B 79 -31.70 -20.24 17.74
N PRO B 80 -32.50 -21.20 18.28
CA PRO B 80 -31.96 -22.11 19.32
C PRO B 80 -30.67 -22.86 18.97
N GLU B 81 -30.52 -23.24 17.69
CA GLU B 81 -29.32 -23.93 17.20
C GLU B 81 -28.08 -23.02 17.11
N ASP B 82 -28.22 -21.71 17.34
CA ASP B 82 -27.09 -20.77 17.26
C ASP B 82 -26.31 -20.61 18.57
N PHE B 83 -26.82 -21.18 19.65
CA PHE B 83 -26.15 -21.06 20.96
C PHE B 83 -25.01 -22.04 20.96
N ALA B 84 -23.78 -21.51 20.89
CA ALA B 84 -22.56 -22.29 20.67
C ALA B 84 -21.37 -21.36 20.89
N VAL B 85 -20.17 -21.84 20.55
CA VAL B 85 -18.95 -21.04 20.65
C VAL B 85 -18.61 -20.53 19.27
N TYR B 86 -18.13 -19.30 19.18
CA TYR B 86 -17.74 -18.69 17.89
C TYR B 86 -16.30 -18.21 17.98
N TYR B 87 -15.51 -18.53 16.95
CA TYR B 87 -14.10 -18.16 16.87
C TYR B 87 -13.87 -17.35 15.63
N CYS B 88 -12.96 -16.36 15.70
CA CYS B 88 -12.48 -15.69 14.49
C CYS B 88 -11.11 -16.32 14.24
N GLY B 89 -10.71 -16.40 12.97
CA GLY B 89 -9.43 -16.95 12.60
C GLY B 89 -8.85 -16.12 11.47
N GLN B 90 -7.55 -15.81 11.55
CA GLN B 90 -6.89 -15.05 10.47
C GLN B 90 -5.95 -15.98 9.71
N ASN B 91 -5.83 -15.75 8.43
CA ASN B 91 -4.86 -16.49 7.60
C ASN B 91 -4.16 -15.53 6.61
N ASN B 92 -4.12 -14.21 6.94
CA ASN B 92 -3.37 -13.24 6.15
C ASN B 92 -1.90 -13.65 6.21
N GLU B 93 -1.47 -14.20 7.35
CA GLU B 93 -0.11 -14.64 7.52
C GLU B 93 -0.05 -15.95 8.29
N TRP B 94 1.08 -16.64 8.18
CA TRP B 94 1.34 -17.85 8.93
C TRP B 94 2.28 -17.51 10.07
N PRO B 95 2.07 -18.09 11.26
CA PRO B 95 1.05 -19.10 11.59
C PRO B 95 -0.36 -18.55 11.59
N GLU B 96 -1.36 -19.41 11.24
CA GLU B 96 -2.74 -18.94 11.39
C GLU B 96 -2.93 -18.72 12.88
N VAL B 97 -3.82 -17.81 13.24
CA VAL B 97 -4.12 -17.56 14.65
C VAL B 97 -5.63 -17.46 14.77
N PHE B 98 -6.17 -18.00 15.88
CA PHE B 98 -7.60 -17.94 16.17
C PHE B 98 -7.79 -17.10 17.42
N GLY B 99 -8.95 -16.45 17.54
CA GLY B 99 -9.30 -15.78 18.78
C GLY B 99 -9.64 -16.80 19.85
N GLY B 100 -9.83 -16.31 21.08
CA GLY B 100 -10.08 -17.20 22.23
C GLY B 100 -11.51 -17.70 22.34
N GLY B 101 -12.37 -17.20 21.46
CA GLY B 101 -13.78 -17.61 21.40
C GLY B 101 -14.74 -16.78 22.22
N THR B 102 -15.99 -16.74 21.76
CA THR B 102 -17.11 -16.12 22.48
C THR B 102 -18.19 -17.21 22.60
N LYS B 103 -18.64 -17.47 23.82
CA LYS B 103 -19.66 -18.48 24.06
C LYS B 103 -20.99 -17.74 24.09
N VAL B 104 -21.92 -18.10 23.17
CA VAL B 104 -23.26 -17.49 23.17
C VAL B 104 -24.18 -18.49 23.91
N GLU B 105 -24.69 -18.07 25.08
CA GLU B 105 -25.48 -18.84 26.04
C GLU B 105 -26.95 -18.37 26.02
N ILE B 106 -27.91 -19.27 26.39
CA ILE B 106 -29.35 -18.92 26.43
C ILE B 106 -29.65 -18.23 27.73
N LYS B 107 -30.27 -17.05 27.64
CA LYS B 107 -30.68 -16.33 28.84
C LYS B 107 -32.07 -16.89 29.13
N ARG B 108 -32.34 -17.25 30.39
CA ARG B 108 -33.67 -17.72 30.83
C ARG B 108 -33.85 -17.13 32.22
N THR B 109 -35.01 -17.36 32.84
CA THR B 109 -35.24 -16.84 34.19
C THR B 109 -34.40 -17.61 35.17
N VAL B 110 -34.22 -17.03 36.34
CA VAL B 110 -33.47 -17.64 37.44
C VAL B 110 -34.21 -18.90 37.90
N ALA B 111 -33.46 -19.99 38.11
CA ALA B 111 -34.01 -21.26 38.57
C ALA B 111 -33.11 -21.81 39.65
N ALA B 112 -33.64 -21.95 40.87
CA ALA B 112 -32.88 -22.47 42.01
C ALA B 112 -32.54 -23.93 41.78
N PRO B 113 -31.38 -24.40 42.28
CA PRO B 113 -31.08 -25.82 42.12
C PRO B 113 -31.81 -26.69 43.15
N SER B 114 -32.08 -27.95 42.79
CA SER B 114 -32.52 -28.90 43.80
C SER B 114 -31.18 -29.58 44.17
N VAL B 115 -30.93 -29.72 45.46
CA VAL B 115 -29.65 -30.20 45.99
C VAL B 115 -29.79 -31.59 46.60
N PHE B 116 -28.82 -32.47 46.32
CA PHE B 116 -28.80 -33.84 46.84
C PHE B 116 -27.39 -34.19 47.32
N ILE B 117 -27.30 -34.97 48.41
CA ILE B 117 -26.00 -35.43 48.94
C ILE B 117 -25.93 -36.95 48.91
N PHE B 118 -24.77 -37.47 48.52
CA PHE B 118 -24.58 -38.91 48.45
C PHE B 118 -23.41 -39.35 49.31
N PRO B 119 -23.64 -40.31 50.23
CA PRO B 119 -22.50 -40.83 51.02
C PRO B 119 -21.59 -41.71 50.16
N PRO B 120 -20.34 -42.01 50.56
CA PRO B 120 -19.55 -43.01 49.79
C PRO B 120 -20.21 -44.39 49.91
N SER B 121 -20.07 -45.24 48.89
CA SER B 121 -20.67 -46.57 48.91
C SER B 121 -19.84 -47.53 49.81
N ASP B 122 -20.48 -48.63 50.27
CA ASP B 122 -19.82 -49.67 51.08
C ASP B 122 -18.68 -50.29 50.27
N GLU B 123 -18.91 -50.48 48.96
CA GLU B 123 -17.96 -51.05 48.02
C GLU B 123 -16.67 -50.21 47.91
N GLN B 124 -16.79 -48.88 47.77
CA GLN B 124 -15.62 -48.00 47.70
C GLN B 124 -14.88 -47.94 49.04
N LEU B 125 -15.62 -47.91 50.16
CA LEU B 125 -15.00 -47.84 51.49
C LEU B 125 -14.10 -49.05 51.78
N LYS B 126 -14.54 -50.25 51.34
CA LYS B 126 -13.77 -51.49 51.46
C LYS B 126 -12.41 -51.37 50.78
N SER B 127 -12.33 -50.53 49.72
CA SER B 127 -11.12 -50.31 48.93
C SER B 127 -10.18 -49.19 49.49
N GLY B 128 -10.57 -48.53 50.59
CA GLY B 128 -9.73 -47.53 51.24
C GLY B 128 -9.92 -46.04 50.95
N THR B 129 -10.85 -45.67 50.07
CA THR B 129 -11.12 -44.27 49.73
C THR B 129 -12.59 -43.97 49.92
N ALA B 130 -12.89 -42.72 50.22
CA ALA B 130 -14.26 -42.24 50.43
C ALA B 130 -14.50 -40.98 49.63
N SER B 131 -15.43 -41.09 48.65
CA SER B 131 -15.87 -39.97 47.82
C SER B 131 -17.28 -39.61 48.26
N VAL B 132 -17.50 -38.34 48.61
CA VAL B 132 -18.81 -37.79 49.01
C VAL B 132 -19.26 -36.84 47.88
N VAL B 133 -20.47 -37.03 47.36
CA VAL B 133 -20.91 -36.24 46.21
C VAL B 133 -22.09 -35.33 46.54
N CYS B 134 -22.05 -34.10 46.07
CA CYS B 134 -23.13 -33.11 46.23
C CYS B 134 -23.57 -32.75 44.82
N LEU B 135 -24.88 -32.87 44.53
CA LEU B 135 -25.43 -32.59 43.22
C LEU B 135 -26.31 -31.35 43.29
N LEU B 136 -26.12 -30.42 42.34
CA LEU B 136 -26.97 -29.23 42.21
C LEU B 136 -27.62 -29.43 40.88
N ASN B 137 -28.94 -29.67 40.89
CA ASN B 137 -29.65 -30.02 39.70
C ASN B 137 -30.51 -28.92 39.09
N ASN B 138 -30.33 -28.68 37.77
CA ASN B 138 -31.15 -27.82 36.92
C ASN B 138 -31.34 -26.39 37.45
N PHE B 139 -30.26 -25.63 37.44
CA PHE B 139 -30.28 -24.25 37.95
C PHE B 139 -29.81 -23.24 36.88
N TYR B 140 -30.13 -21.95 37.10
CA TYR B 140 -29.75 -20.86 36.20
C TYR B 140 -29.75 -19.62 37.04
N PRO B 141 -28.71 -18.75 36.99
CA PRO B 141 -27.52 -18.80 36.11
C PRO B 141 -26.47 -19.81 36.56
N ARG B 142 -25.39 -19.94 35.76
CA ARG B 142 -24.31 -20.92 36.02
C ARG B 142 -23.61 -20.75 37.37
N GLU B 143 -23.51 -19.49 37.86
CA GLU B 143 -22.79 -19.20 39.10
C GLU B 143 -23.48 -19.85 40.29
N ALA B 144 -22.72 -20.62 41.04
CA ALA B 144 -23.18 -21.30 42.24
C ALA B 144 -21.97 -21.52 43.12
N LYS B 145 -22.18 -21.51 44.44
CA LYS B 145 -21.11 -21.71 45.40
C LYS B 145 -21.44 -22.92 46.23
N VAL B 146 -20.48 -23.88 46.32
CA VAL B 146 -20.67 -25.12 47.08
C VAL B 146 -19.60 -25.18 48.12
N GLN B 147 -19.99 -25.32 49.37
CA GLN B 147 -19.02 -25.43 50.45
C GLN B 147 -19.23 -26.70 51.20
N TRP B 148 -18.14 -27.45 51.42
CA TRP B 148 -18.19 -28.71 52.14
C TRP B 148 -17.90 -28.45 53.61
N LYS B 149 -18.61 -29.15 54.50
CA LYS B 149 -18.42 -29.07 55.94
C LYS B 149 -18.44 -30.46 56.55
N VAL B 150 -17.41 -30.78 57.33
CA VAL B 150 -17.27 -32.08 57.98
C VAL B 150 -17.22 -31.79 59.49
N ASP B 151 -18.28 -32.16 60.23
CA ASP B 151 -18.46 -31.86 61.67
C ASP B 151 -18.28 -30.34 61.92
N ASN B 152 -18.94 -29.52 61.07
CA ASN B 152 -18.92 -28.05 61.04
C ASN B 152 -17.57 -27.43 60.61
N ALA B 153 -16.51 -28.25 60.37
CA ALA B 153 -15.22 -27.71 59.91
C ALA B 153 -15.29 -27.54 58.38
N LEU B 154 -15.05 -26.31 57.91
CA LEU B 154 -15.06 -25.98 56.48
C LEU B 154 -13.90 -26.67 55.77
N GLN B 155 -14.21 -27.31 54.64
CA GLN B 155 -13.23 -28.03 53.83
C GLN B 155 -12.74 -27.18 52.70
N SER B 156 -11.44 -27.31 52.37
CA SER B 156 -10.80 -26.61 51.27
C SER B 156 -9.69 -27.48 50.65
N GLY B 157 -9.56 -27.41 49.33
CA GLY B 157 -8.55 -28.13 48.57
C GLY B 157 -8.73 -29.63 48.38
N ASN B 158 -9.83 -30.20 48.90
CA ASN B 158 -10.06 -31.64 48.77
C ASN B 158 -11.34 -31.95 47.98
N SER B 159 -11.82 -31.00 47.18
CA SER B 159 -13.00 -31.21 46.35
C SER B 159 -12.79 -30.71 44.94
N GLN B 160 -13.55 -31.26 44.00
CA GLN B 160 -13.47 -30.86 42.61
C GLN B 160 -14.88 -30.76 42.10
N GLU B 161 -15.13 -29.82 41.17
CA GLU B 161 -16.46 -29.66 40.59
C GLU B 161 -16.49 -29.84 39.08
N SER B 162 -17.66 -30.23 38.56
CA SER B 162 -17.84 -30.39 37.11
C SER B 162 -19.24 -29.82 36.84
N VAL B 163 -19.42 -29.20 35.66
CA VAL B 163 -20.70 -28.57 35.31
C VAL B 163 -21.11 -29.07 33.94
N THR B 164 -22.41 -29.33 33.72
CA THR B 164 -22.84 -29.78 32.38
C THR B 164 -22.96 -28.60 31.42
N GLU B 165 -23.15 -28.90 30.12
CA GLU B 165 -23.47 -27.87 29.12
C GLU B 165 -24.94 -27.48 29.38
N GLN B 166 -25.39 -26.29 28.89
CA GLN B 166 -26.78 -25.88 29.04
C GLN B 166 -27.73 -26.92 28.46
N ASP B 167 -28.75 -27.31 29.25
CA ASP B 167 -29.72 -28.35 28.85
C ASP B 167 -30.55 -27.91 27.62
N SER B 168 -30.73 -28.82 26.65
CA SER B 168 -31.49 -28.59 25.40
C SER B 168 -32.97 -28.24 25.60
N LYS B 169 -33.59 -28.75 26.67
CA LYS B 169 -35.00 -28.51 26.94
C LYS B 169 -35.29 -27.34 27.86
N ASP B 170 -34.52 -27.16 28.95
CA ASP B 170 -34.91 -26.09 29.86
C ASP B 170 -33.82 -25.01 30.05
N SER B 171 -32.69 -25.11 29.30
CA SER B 171 -31.63 -24.09 29.33
C SER B 171 -30.92 -23.93 30.72
N THR B 172 -30.98 -24.99 31.59
CA THR B 172 -30.34 -24.93 32.92
C THR B 172 -28.98 -25.64 32.91
N TYR B 173 -28.29 -25.57 34.05
CA TYR B 173 -27.02 -26.23 34.26
C TYR B 173 -27.20 -27.18 35.42
N SER B 174 -26.31 -28.17 35.52
CA SER B 174 -26.26 -29.01 36.71
C SER B 174 -24.80 -29.09 37.09
N LEU B 175 -24.52 -29.31 38.36
CA LEU B 175 -23.15 -29.28 38.86
C LEU B 175 -22.97 -30.39 39.89
N SER B 176 -21.79 -31.00 39.88
CA SER B 176 -21.44 -32.00 40.88
C SER B 176 -20.22 -31.48 41.59
N SER B 177 -20.14 -31.66 42.90
CA SER B 177 -18.95 -31.32 43.67
C SER B 177 -18.63 -32.61 44.44
N THR B 178 -17.40 -33.11 44.31
CA THR B 178 -16.96 -34.36 44.96
C THR B 178 -15.86 -34.08 45.96
N LEU B 179 -16.09 -34.50 47.21
CA LEU B 179 -15.14 -34.40 48.32
C LEU B 179 -14.46 -35.79 48.42
N THR B 180 -13.13 -35.81 48.37
CA THR B 180 -12.36 -37.06 48.44
C THR B 180 -11.56 -37.10 49.73
N LEU B 181 -11.74 -38.16 50.50
CA LEU B 181 -11.10 -38.42 51.79
C LEU B 181 -10.63 -39.87 51.81
N SER B 182 -9.64 -40.18 52.63
CA SER B 182 -9.19 -41.57 52.81
C SER B 182 -10.24 -42.21 53.72
N LYS B 183 -10.37 -43.54 53.71
CA LYS B 183 -11.31 -44.27 54.56
C LYS B 183 -11.03 -43.93 56.05
N ALA B 184 -9.73 -43.89 56.44
CA ALA B 184 -9.31 -43.56 57.81
C ALA B 184 -9.80 -42.16 58.24
N ASP B 185 -9.66 -41.12 57.35
CA ASP B 185 -10.10 -39.75 57.64
C ASP B 185 -11.63 -39.63 57.68
N TYR B 186 -12.32 -40.38 56.80
CA TYR B 186 -13.76 -40.41 56.74
C TYR B 186 -14.38 -41.02 58.02
N GLU B 187 -13.77 -42.11 58.52
CA GLU B 187 -14.24 -42.82 59.70
C GLU B 187 -14.04 -42.06 61.01
N LYS B 188 -13.22 -41.00 61.00
CA LYS B 188 -12.94 -40.14 62.15
C LYS B 188 -14.00 -39.04 62.38
N HIS B 189 -14.99 -38.92 61.46
CA HIS B 189 -16.00 -37.86 61.54
C HIS B 189 -17.43 -38.37 61.35
N LYS B 190 -18.42 -37.60 61.84
CA LYS B 190 -19.85 -37.97 61.80
C LYS B 190 -20.72 -37.24 60.76
N VAL B 191 -20.79 -35.89 60.84
CA VAL B 191 -21.66 -35.08 59.98
C VAL B 191 -20.96 -34.64 58.70
N TYR B 192 -21.54 -34.99 57.54
CA TYR B 192 -21.01 -34.63 56.23
C TYR B 192 -22.06 -33.77 55.58
N ALA B 193 -21.70 -32.52 55.25
CA ALA B 193 -22.66 -31.57 54.69
C ALA B 193 -22.13 -30.74 53.53
N CYS B 194 -23.03 -30.41 52.57
CA CYS B 194 -22.73 -29.46 51.49
C CYS B 194 -23.72 -28.31 51.52
N GLU B 195 -23.19 -27.11 51.53
CA GLU B 195 -23.94 -25.88 51.63
C GLU B 195 -23.89 -25.16 50.28
N VAL B 196 -25.08 -24.85 49.76
CA VAL B 196 -25.22 -24.29 48.42
C VAL B 196 -25.74 -22.84 48.44
N THR B 197 -25.04 -21.94 47.75
CA THR B 197 -25.44 -20.56 47.52
C THR B 197 -25.76 -20.38 46.05
N HIS B 198 -26.96 -19.87 45.73
CA HIS B 198 -27.38 -19.61 44.36
C HIS B 198 -28.41 -18.48 44.36
N GLN B 199 -28.47 -17.71 43.27
CA GLN B 199 -29.41 -16.60 43.15
C GLN B 199 -30.89 -16.97 43.30
N GLY B 200 -31.21 -18.22 42.98
CA GLY B 200 -32.56 -18.76 43.07
C GLY B 200 -33.03 -19.00 44.49
N LEU B 201 -32.08 -19.04 45.43
CA LEU B 201 -32.33 -19.31 46.85
C LEU B 201 -32.37 -18.04 47.69
N SER B 202 -33.28 -17.95 48.66
CA SER B 202 -33.33 -16.79 49.55
C SER B 202 -32.09 -16.77 50.47
N SER B 203 -31.69 -17.95 50.95
CA SER B 203 -30.53 -18.13 51.83
C SER B 203 -29.89 -19.52 51.52
N PRO B 204 -28.63 -19.80 51.94
CA PRO B 204 -28.00 -21.09 51.55
C PRO B 204 -28.73 -22.34 52.02
N VAL B 205 -28.71 -23.37 51.16
CA VAL B 205 -29.37 -24.65 51.41
C VAL B 205 -28.30 -25.67 51.80
N THR B 206 -28.52 -26.44 52.88
CA THR B 206 -27.60 -27.47 53.36
C THR B 206 -28.25 -28.87 53.30
N LYS B 207 -27.55 -29.83 52.69
CA LYS B 207 -27.96 -31.22 52.66
C LYS B 207 -26.85 -31.93 53.40
N SER B 208 -27.24 -32.87 54.26
CA SER B 208 -26.28 -33.56 55.10
C SER B 208 -26.70 -34.97 55.43
N PHE B 209 -25.75 -35.76 55.96
CA PHE B 209 -26.01 -37.11 56.43
C PHE B 209 -25.06 -37.36 57.59
N ASN B 210 -25.45 -38.29 58.47
CA ASN B 210 -24.65 -38.74 59.60
C ASN B 210 -24.20 -40.15 59.30
N ARG B 211 -22.91 -40.43 59.45
CA ARG B 211 -22.29 -41.76 59.25
C ARG B 211 -23.01 -42.91 60.01
N GLY B 212 -23.46 -42.65 61.24
CA GLY B 212 -24.16 -43.64 62.06
C GLY B 212 -25.57 -44.01 61.63
N GLU B 213 -26.01 -43.50 60.47
CA GLU B 213 -27.35 -43.65 59.90
C GLU B 213 -27.35 -44.26 58.48
N CYS B 214 -26.17 -44.31 57.85
CA CYS B 214 -26.00 -44.89 56.52
C CYS B 214 -25.70 -46.38 56.66
N GLN C 1 31.88 24.97 -8.22
CA GLN C 1 32.77 23.88 -8.63
C GLN C 1 32.07 22.84 -9.53
N VAL C 2 30.87 22.37 -9.13
CA VAL C 2 30.13 21.45 -9.97
C VAL C 2 29.60 22.22 -11.20
N GLN C 3 29.70 21.64 -12.40
CA GLN C 3 29.13 22.25 -13.57
C GLN C 3 28.77 21.23 -14.63
N LEU C 4 27.82 21.62 -15.50
CA LEU C 4 27.42 20.91 -16.71
C LEU C 4 27.57 21.92 -17.80
N VAL C 5 28.51 21.68 -18.73
CA VAL C 5 28.82 22.64 -19.80
C VAL C 5 28.38 22.07 -21.11
N GLN C 6 27.47 22.76 -21.77
CA GLN C 6 26.95 22.28 -23.05
C GLN C 6 27.63 22.91 -24.24
N SER C 7 27.48 22.29 -25.41
CA SER C 7 28.00 22.79 -26.69
C SER C 7 27.19 24.01 -27.14
N GLY C 8 27.74 24.77 -28.10
CA GLY C 8 27.14 26.01 -28.60
C GLY C 8 25.89 25.84 -29.42
N ALA C 9 25.21 26.99 -29.67
CA ALA C 9 23.97 27.04 -30.45
C ALA C 9 24.12 26.39 -31.83
N GLU C 10 23.02 25.81 -32.33
CA GLU C 10 22.95 25.11 -33.62
C GLU C 10 21.86 25.68 -34.47
N VAL C 11 22.08 25.66 -35.78
CA VAL C 11 21.07 26.08 -36.74
C VAL C 11 20.96 24.96 -37.76
N LYS C 12 19.75 24.42 -37.94
CA LYS C 12 19.52 23.28 -38.83
C LYS C 12 18.35 23.44 -39.79
N LYS C 13 18.41 22.77 -40.95
CA LYS C 13 17.32 22.78 -41.92
C LYS C 13 16.38 21.61 -41.56
N PRO C 14 15.08 21.68 -41.89
CA PRO C 14 14.18 20.54 -41.59
C PRO C 14 14.67 19.25 -42.27
N GLY C 15 14.58 18.12 -41.56
CA GLY C 15 15.07 16.84 -42.04
C GLY C 15 16.51 16.51 -41.62
N ALA C 16 17.26 17.51 -41.14
CA ALA C 16 18.65 17.32 -40.71
C ALA C 16 18.73 16.73 -39.30
N SER C 17 19.95 16.57 -38.77
CA SER C 17 20.23 15.99 -37.46
C SER C 17 21.04 16.97 -36.64
N VAL C 18 20.94 16.88 -35.31
CA VAL C 18 21.73 17.72 -34.42
C VAL C 18 22.24 16.83 -33.29
N LYS C 19 23.45 17.07 -32.84
CA LYS C 19 24.10 16.36 -31.74
C LYS C 19 24.62 17.39 -30.76
N VAL C 20 24.04 17.41 -29.56
CA VAL C 20 24.39 18.37 -28.50
C VAL C 20 25.12 17.60 -27.40
N SER C 21 26.16 18.22 -26.82
CA SER C 21 26.98 17.60 -25.78
C SER C 21 26.79 18.30 -24.43
N CYS C 22 27.13 17.61 -23.37
CA CYS C 22 26.96 18.07 -22.01
C CYS C 22 28.10 17.45 -21.23
N LYS C 23 29.12 18.25 -20.89
CA LYS C 23 30.30 17.78 -20.17
C LYS C 23 30.14 18.05 -18.69
N ALA C 24 30.30 17.02 -17.86
CA ALA C 24 30.19 17.14 -16.42
C ALA C 24 31.56 17.27 -15.76
N SER C 25 31.67 18.13 -14.72
CA SER C 25 32.91 18.37 -13.98
CA SER C 25 32.91 18.26 -13.97
C SER C 25 32.64 18.64 -12.53
N GLY C 26 33.63 18.38 -11.67
CA GLY C 26 33.53 18.70 -10.25
C GLY C 26 32.69 17.83 -9.35
N TYR C 27 32.21 16.69 -9.83
CA TYR C 27 31.43 15.78 -8.99
C TYR C 27 31.63 14.36 -9.53
N GLU C 28 31.16 13.34 -8.79
CA GLU C 28 31.32 11.94 -9.18
C GLU C 28 30.34 11.64 -10.30
N PHE C 29 30.84 11.59 -11.55
CA PHE C 29 30.01 11.40 -12.76
C PHE C 29 29.02 10.22 -12.66
N THR C 30 29.49 9.09 -12.07
CA THR C 30 28.74 7.84 -11.97
C THR C 30 27.63 7.86 -10.93
N SER C 31 27.55 8.93 -10.12
CA SER C 31 26.57 9.04 -9.05
C SER C 31 25.26 9.69 -9.45
N TYR C 32 25.16 10.23 -10.68
CA TYR C 32 23.94 10.95 -11.05
C TYR C 32 23.44 10.58 -12.41
N TRP C 33 22.11 10.45 -12.57
CA TRP C 33 21.52 10.31 -13.91
C TRP C 33 21.71 11.67 -14.59
N ILE C 34 21.79 11.70 -15.93
CA ILE C 34 21.78 12.93 -16.69
C ILE C 34 20.55 12.90 -17.58
N HIS C 35 19.68 13.92 -17.44
CA HIS C 35 18.45 14.06 -18.23
C HIS C 35 18.64 15.11 -19.31
N TRP C 36 17.83 15.01 -20.37
CA TRP C 36 17.76 16.04 -21.40
C TRP C 36 16.31 16.56 -21.35
N VAL C 37 16.16 17.88 -21.21
CA VAL C 37 14.84 18.52 -21.08
C VAL C 37 14.86 19.71 -22.04
N ARG C 38 13.79 19.91 -22.82
CA ARG C 38 13.80 21.08 -23.75
C ARG C 38 12.71 22.08 -23.41
N GLN C 39 12.89 23.29 -23.89
CA GLN C 39 11.91 24.34 -23.68
C GLN C 39 11.81 25.17 -24.98
N ALA C 40 10.67 25.05 -25.67
CA ALA C 40 10.39 25.87 -26.86
C ALA C 40 10.18 27.34 -26.43
N PRO C 41 10.47 28.35 -27.29
CA PRO C 41 10.35 29.75 -26.85
C PRO C 41 8.97 30.11 -26.28
N GLY C 42 8.96 30.60 -25.04
CA GLY C 42 7.74 30.98 -24.33
C GLY C 42 6.88 29.85 -23.79
N GLN C 43 7.36 28.56 -23.92
CA GLN C 43 6.61 27.39 -23.49
CA GLN C 43 6.62 27.39 -23.49
C GLN C 43 7.25 26.75 -22.23
N GLY C 44 6.68 25.63 -21.79
CA GLY C 44 7.13 24.90 -20.60
C GLY C 44 8.25 23.94 -20.86
N LEU C 45 8.45 22.97 -19.93
CA LEU C 45 9.57 22.02 -20.00
C LEU C 45 9.08 20.67 -20.46
N GLU C 46 9.84 20.02 -21.35
CA GLU C 46 9.49 18.72 -21.90
C GLU C 46 10.68 17.76 -21.80
N TRP C 47 10.48 16.61 -21.13
CA TRP C 47 11.54 15.61 -20.92
C TRP C 47 11.79 14.81 -22.20
N MET C 48 13.05 14.79 -22.67
CA MET C 48 13.46 14.06 -23.88
CA MET C 48 13.42 14.04 -23.87
C MET C 48 13.81 12.62 -23.53
N GLY C 49 14.49 12.46 -22.42
CA GLY C 49 14.99 11.17 -21.97
C GLY C 49 16.19 11.36 -21.06
N ASN C 50 16.87 10.28 -20.76
CA ASN C 50 18.05 10.38 -19.89
C ASN C 50 19.03 9.27 -20.21
N ILE C 51 20.14 9.24 -19.48
CA ILE C 51 21.16 8.23 -19.69
C ILE C 51 21.84 7.94 -18.38
N SER C 52 22.25 6.67 -18.20
CA SER C 52 23.00 6.24 -17.04
C SER C 52 24.48 6.46 -17.37
N PRO C 53 25.22 7.27 -16.59
CA PRO C 53 26.67 7.43 -16.86
C PRO C 53 27.45 6.12 -16.66
N ASN C 54 26.88 5.18 -15.89
CA ASN C 54 27.52 3.88 -15.61
C ASN C 54 27.37 2.90 -16.78
N SER C 55 26.16 2.41 -17.03
CA SER C 55 25.87 1.46 -18.11
C SER C 55 25.90 2.09 -19.49
N GLY C 56 25.66 3.39 -19.59
CA GLY C 56 25.58 4.04 -20.89
C GLY C 56 24.26 3.77 -21.59
N SER C 57 23.29 3.11 -20.88
CA SER C 57 21.98 2.83 -21.46
CA SER C 57 21.98 2.81 -21.43
C SER C 57 21.05 4.02 -21.24
N ALA C 58 20.35 4.38 -22.29
CA ALA C 58 19.46 5.54 -22.27
C ALA C 58 17.99 5.17 -22.19
N ASN C 59 17.16 6.09 -21.69
CA ASN C 59 15.71 5.92 -21.63
C ASN C 59 15.13 7.10 -22.37
N TYR C 60 14.21 6.85 -23.29
CA TYR C 60 13.61 7.91 -24.11
C TYR C 60 12.13 8.15 -23.90
N ASN C 61 11.71 9.41 -24.10
CA ASN C 61 10.30 9.75 -24.11
C ASN C 61 9.80 9.10 -25.44
N GLU C 62 8.69 8.32 -25.39
CA GLU C 62 8.13 7.63 -26.56
C GLU C 62 7.88 8.56 -27.75
N LYS C 63 7.61 9.85 -27.48
CA LYS C 63 7.40 10.89 -28.51
C LYS C 63 8.63 11.05 -29.42
N PHE C 64 9.86 10.76 -28.90
CA PHE C 64 11.11 10.97 -29.64
C PHE C 64 11.92 9.73 -29.89
N LYS C 65 11.63 8.61 -29.18
CA LYS C 65 12.43 7.36 -29.27
C LYS C 65 12.82 6.94 -30.71
N SER C 66 11.96 7.18 -31.71
CA SER C 66 12.25 6.77 -33.10
C SER C 66 13.28 7.66 -33.81
N ARG C 67 13.57 8.86 -33.26
CA ARG C 67 14.51 9.77 -33.89
C ARG C 67 15.49 10.41 -32.91
N VAL C 68 15.69 9.81 -31.70
CA VAL C 68 16.65 10.32 -30.72
C VAL C 68 17.60 9.20 -30.22
N THR C 69 18.86 9.55 -30.00
CA THR C 69 19.95 8.69 -29.49
C THR C 69 20.68 9.46 -28.38
N MET C 70 20.89 8.86 -27.21
CA MET C 70 21.68 9.49 -26.16
C MET C 70 22.86 8.58 -25.87
N THR C 71 24.06 9.14 -25.75
CA THR C 71 25.26 8.33 -25.52
C THR C 71 26.13 8.98 -24.46
N ARG C 72 27.10 8.24 -23.90
CA ARG C 72 28.01 8.85 -22.95
C ARG C 72 29.41 8.38 -23.24
N ASP C 73 30.36 9.24 -22.98
CA ASP C 73 31.78 8.98 -23.12
C ASP C 73 32.38 9.09 -21.74
N THR C 74 32.71 7.93 -21.17
CA THR C 74 33.30 7.82 -19.85
C THR C 74 34.61 8.62 -19.74
N SER C 75 35.48 8.54 -20.77
CA SER C 75 36.80 9.19 -20.74
C SER C 75 36.75 10.70 -20.56
N THR C 76 35.68 11.35 -21.08
CA THR C 76 35.54 12.81 -20.99
C THR C 76 34.36 13.24 -20.11
N SER C 77 33.65 12.27 -19.45
CA SER C 77 32.48 12.57 -18.60
C SER C 77 31.47 13.42 -19.38
N THR C 78 31.27 13.10 -20.66
CA THR C 78 30.38 13.84 -21.57
C THR C 78 29.22 12.97 -22.00
N VAL C 79 28.03 13.57 -22.04
CA VAL C 79 26.83 12.93 -22.51
C VAL C 79 26.39 13.67 -23.75
N TYR C 80 25.78 12.96 -24.69
CA TYR C 80 25.32 13.51 -25.97
C TYR C 80 23.88 13.19 -26.22
N MET C 81 23.18 14.07 -26.97
CA MET C 81 21.84 13.81 -27.41
C MET C 81 21.83 14.10 -28.89
N GLU C 82 21.47 13.11 -29.72
CA GLU C 82 21.37 13.31 -31.17
C GLU C 82 19.91 13.21 -31.55
N LEU C 83 19.35 14.31 -32.12
CA LEU C 83 17.95 14.36 -32.51
C LEU C 83 17.93 14.48 -34.04
N SER C 84 17.28 13.52 -34.73
CA SER C 84 17.22 13.44 -36.18
CA SER C 84 17.24 13.50 -36.18
C SER C 84 15.84 13.77 -36.73
N SER C 85 15.69 13.83 -38.09
CA SER C 85 14.42 14.14 -38.76
C SER C 85 13.84 15.41 -38.11
N LEU C 86 14.70 16.41 -37.94
CA LEU C 86 14.34 17.68 -37.30
C LEU C 86 13.22 18.42 -38.02
N ARG C 87 12.32 19.00 -37.24
CA ARG C 87 11.22 19.80 -37.79
C ARG C 87 11.21 21.11 -37.03
N SER C 88 10.57 22.16 -37.59
CA SER C 88 10.54 23.50 -36.96
C SER C 88 10.10 23.45 -35.49
N GLU C 89 9.14 22.57 -35.14
CA GLU C 89 8.64 22.36 -33.77
C GLU C 89 9.75 21.90 -32.78
N ASP C 90 10.92 21.48 -33.29
CA ASP C 90 12.03 21.12 -32.41
C ASP C 90 12.86 22.35 -32.01
N THR C 91 12.54 23.55 -32.55
CA THR C 91 13.25 24.79 -32.18
C THR C 91 13.01 25.00 -30.68
N ALA C 92 14.09 24.96 -29.91
CA ALA C 92 14.00 25.04 -28.44
C ALA C 92 15.37 25.18 -27.85
N VAL C 93 15.41 25.50 -26.52
CA VAL C 93 16.65 25.47 -25.78
C VAL C 93 16.65 24.05 -25.17
N TYR C 94 17.71 23.31 -25.37
CA TYR C 94 17.85 21.95 -24.85
C TYR C 94 18.76 22.02 -23.66
N TYR C 95 18.32 21.54 -22.49
CA TYR C 95 19.16 21.52 -21.29
C TYR C 95 19.54 20.10 -20.91
N CYS C 96 20.70 19.94 -20.31
CA CYS C 96 21.02 18.69 -19.61
C CYS C 96 20.93 19.03 -18.12
N ALA C 97 20.54 18.04 -17.29
CA ALA C 97 20.38 18.25 -15.84
C ALA C 97 20.71 16.96 -15.12
N ARG C 98 21.30 17.05 -13.94
CA ARG C 98 21.63 15.83 -13.16
C ARG C 98 20.62 15.57 -12.05
N GLU C 99 20.42 14.30 -11.70
CA GLU C 99 19.54 13.87 -10.62
C GLU C 99 20.31 12.80 -9.82
N GLY C 100 20.49 13.04 -8.53
CA GLY C 100 21.21 12.11 -7.65
C GLY C 100 21.62 12.79 -6.37
N PRO C 101 22.54 12.19 -5.57
CA PRO C 101 23.28 10.95 -5.87
C PRO C 101 22.48 9.69 -5.59
N TYR C 102 22.74 8.64 -6.35
CA TYR C 102 22.16 7.33 -6.13
C TYR C 102 23.30 6.32 -6.12
N SER C 103 23.12 5.24 -5.34
CA SER C 103 24.13 4.19 -5.27
C SER C 103 23.50 2.85 -5.71
N TYR C 104 24.04 1.74 -5.23
CA TYR C 104 23.52 0.41 -5.52
C TYR C 104 22.36 0.06 -4.56
N TYR C 105 22.05 0.92 -3.59
CA TYR C 105 20.95 0.66 -2.65
C TYR C 105 19.74 1.40 -3.17
N PRO C 106 18.76 0.72 -3.83
CA PRO C 106 17.64 1.47 -4.42
C PRO C 106 16.70 2.06 -3.39
N SER C 107 16.03 3.11 -3.81
CA SER C 107 15.04 3.80 -3.00
C SER C 107 13.93 4.26 -3.92
N ARG C 108 12.75 4.52 -3.35
CA ARG C 108 11.62 5.05 -4.09
C ARG C 108 11.42 6.53 -3.69
N GLU C 109 12.45 7.13 -3.04
CA GLU C 109 12.46 8.55 -2.66
C GLU C 109 13.50 9.20 -3.54
N TYR C 110 13.08 10.06 -4.46
CA TYR C 110 14.03 10.63 -5.39
C TYR C 110 14.41 12.06 -5.11
N TYR C 111 15.59 12.43 -5.60
CA TYR C 111 16.06 13.80 -5.57
C TYR C 111 15.44 14.48 -6.78
N GLY C 112 15.47 15.80 -6.79
CA GLY C 112 15.03 16.56 -7.95
C GLY C 112 16.24 16.74 -8.86
N SER C 113 16.10 17.53 -9.94
CA SER C 113 17.25 17.78 -10.83
C SER C 113 17.95 19.06 -10.31
N ASP C 114 19.06 18.90 -9.56
CA ASP C 114 19.64 20.04 -8.84
C ASP C 114 20.72 20.86 -9.59
N LEU C 115 21.29 20.35 -10.68
CA LEU C 115 22.32 21.07 -11.42
C LEU C 115 21.94 20.96 -12.88
N TRP C 116 21.88 22.12 -13.56
CA TRP C 116 21.48 22.20 -14.96
C TRP C 116 22.58 22.82 -15.80
N GLY C 117 22.70 22.39 -17.06
CA GLY C 117 23.62 23.01 -18.01
C GLY C 117 23.10 24.39 -18.38
N GLN C 118 23.90 25.18 -19.12
CA GLN C 118 23.48 26.55 -19.52
C GLN C 118 22.43 26.55 -20.66
N GLY C 119 22.18 25.39 -21.26
CA GLY C 119 21.24 25.25 -22.38
C GLY C 119 21.91 25.46 -23.71
N THR C 120 21.36 24.83 -24.75
CA THR C 120 21.84 24.95 -26.13
C THR C 120 20.62 25.27 -26.98
N LEU C 121 20.64 26.41 -27.66
CA LEU C 121 19.55 26.76 -28.55
C LEU C 121 19.77 25.99 -29.87
N VAL C 122 18.73 25.30 -30.31
CA VAL C 122 18.74 24.60 -31.59
C VAL C 122 17.58 25.24 -32.36
N THR C 123 17.88 25.91 -33.49
CA THR C 123 16.84 26.52 -34.32
C THR C 123 16.72 25.66 -35.60
N VAL C 124 15.48 25.20 -35.91
CA VAL C 124 15.17 24.37 -37.08
C VAL C 124 14.28 25.21 -37.99
N SER C 125 14.79 25.55 -39.15
CA SER C 125 14.07 26.40 -40.10
C SER C 125 14.65 26.24 -41.50
N SER C 126 13.85 26.61 -42.51
CA SER C 126 14.32 26.61 -43.91
C SER C 126 15.17 27.87 -44.17
N ALA C 127 15.13 28.87 -43.26
CA ALA C 127 15.92 30.11 -43.39
C ALA C 127 17.41 29.88 -43.25
N SER C 128 18.21 30.81 -43.80
CA SER C 128 19.66 30.79 -43.69
C SER C 128 20.12 32.00 -42.85
N THR C 129 21.25 31.85 -42.17
CA THR C 129 21.87 32.88 -41.31
C THR C 129 21.96 34.21 -42.03
N LYS C 130 21.38 35.25 -41.39
CA LYS C 130 21.32 36.60 -41.98
C LYS C 130 21.37 37.65 -40.88
N GLY C 131 22.19 38.67 -41.09
CA GLY C 131 22.32 39.81 -40.18
C GLY C 131 21.12 40.74 -40.32
N PRO C 132 20.80 41.53 -39.29
CA PRO C 132 19.66 42.44 -39.40
C PRO C 132 19.91 43.74 -40.16
N SER C 133 18.82 44.36 -40.63
CA SER C 133 18.74 45.74 -41.13
C SER C 133 18.22 46.51 -39.90
N VAL C 134 18.83 47.65 -39.57
CA VAL C 134 18.44 48.44 -38.39
C VAL C 134 17.86 49.79 -38.85
N PHE C 135 16.58 50.02 -38.56
CA PHE C 135 15.86 51.25 -38.97
C PHE C 135 15.56 52.11 -37.77
N PRO C 136 15.53 53.45 -37.92
CA PRO C 136 15.25 54.28 -36.76
C PRO C 136 13.75 54.33 -36.47
N LEU C 137 13.40 54.54 -35.20
CA LEU C 137 12.03 54.77 -34.75
C LEU C 137 12.06 56.19 -34.21
N ALA C 138 11.44 57.13 -34.93
CA ALA C 138 11.45 58.53 -34.49
C ALA C 138 10.09 59.16 -34.77
N PRO C 139 9.60 60.09 -33.92
CA PRO C 139 8.26 60.68 -34.16
C PRO C 139 8.14 61.40 -35.49
N CYS C 140 6.92 61.43 -36.05
CA CYS C 140 6.61 62.13 -37.31
C CYS C 140 7.00 63.63 -37.17
N SER C 141 6.74 64.24 -36.00
CA SER C 141 7.09 65.62 -35.68
C SER C 141 7.37 65.79 -34.18
N GLU C 146 4.19 65.75 -23.80
CA GLU C 146 5.09 66.43 -24.72
C GLU C 146 6.46 66.79 -24.09
N SER C 147 6.62 66.64 -22.76
CA SER C 147 7.92 66.85 -22.12
C SER C 147 8.82 65.60 -22.30
N THR C 148 8.20 64.43 -22.57
CA THR C 148 8.93 63.18 -22.82
C THR C 148 8.68 62.71 -24.25
N ALA C 149 9.74 62.23 -24.91
CA ALA C 149 9.62 61.72 -26.26
C ALA C 149 10.15 60.29 -26.26
N ALA C 150 9.74 59.49 -27.24
CA ALA C 150 10.23 58.12 -27.37
C ALA C 150 11.00 58.03 -28.68
N LEU C 151 12.07 57.27 -28.65
CA LEU C 151 12.94 56.99 -29.80
C LEU C 151 13.23 55.51 -29.77
N GLY C 152 13.74 54.98 -30.87
CA GLY C 152 14.11 53.57 -30.85
C GLY C 152 14.73 53.09 -32.13
N CYS C 153 14.98 51.76 -32.18
N CYS C 153 15.02 51.77 -32.18
CA CYS C 153 15.49 51.12 -33.39
CA CYS C 153 15.50 51.14 -33.41
C CYS C 153 14.77 49.83 -33.67
C CYS C 153 14.64 49.92 -33.66
N LEU C 154 14.39 49.65 -34.94
CA LEU C 154 13.69 48.47 -35.41
C LEU C 154 14.80 47.57 -36.02
N VAL C 155 15.04 46.39 -35.40
CA VAL C 155 16.07 45.42 -35.76
C VAL C 155 15.35 44.36 -36.56
N LYS C 156 15.38 44.47 -37.88
CA LYS C 156 14.54 43.66 -38.75
C LYS C 156 15.26 42.61 -39.59
N ASP C 157 14.58 41.47 -39.81
CA ASP C 157 14.94 40.44 -40.76
C ASP C 157 16.27 39.77 -40.51
N TYR C 158 16.45 39.25 -39.30
CA TYR C 158 17.67 38.54 -39.01
C TYR C 158 17.35 37.08 -38.69
N PHE C 159 18.36 36.24 -38.72
CA PHE C 159 18.20 34.82 -38.42
C PHE C 159 19.56 34.24 -38.09
N PRO C 160 19.64 33.32 -37.10
CA PRO C 160 18.61 32.91 -36.12
C PRO C 160 18.66 33.91 -34.95
N GLU C 161 17.99 33.57 -33.84
CA GLU C 161 18.15 34.32 -32.58
C GLU C 161 19.56 33.97 -32.04
N PRO C 162 20.17 34.76 -31.13
CA PRO C 162 19.65 35.99 -30.50
C PRO C 162 20.34 37.25 -31.04
N VAL C 163 19.76 38.42 -30.70
CA VAL C 163 20.31 39.73 -30.96
C VAL C 163 20.38 40.40 -29.59
N THR C 164 21.43 41.22 -29.33
CA THR C 164 21.49 42.02 -28.11
C THR C 164 21.52 43.50 -28.52
N VAL C 165 20.98 44.38 -27.67
CA VAL C 165 20.91 45.81 -27.99
C VAL C 165 21.30 46.60 -26.75
N SER C 166 22.14 47.63 -26.91
CA SER C 166 22.45 48.61 -25.85
C SER C 166 22.21 49.99 -26.44
N TRP C 167 22.21 51.03 -25.60
CA TRP C 167 22.06 52.41 -26.09
C TRP C 167 23.27 53.20 -25.63
N ASN C 168 23.89 53.97 -26.55
CA ASN C 168 25.08 54.78 -26.25
C ASN C 168 26.18 53.97 -25.51
N SER C 169 26.46 52.76 -26.03
CA SER C 169 27.47 51.81 -25.53
C SER C 169 27.26 51.41 -24.07
N GLY C 170 25.99 51.31 -23.65
CA GLY C 170 25.65 50.93 -22.30
C GLY C 170 25.55 52.07 -21.32
N ALA C 171 25.86 53.33 -21.77
CA ALA C 171 25.77 54.51 -20.89
C ALA C 171 24.31 54.89 -20.62
N LEU C 172 23.42 54.61 -21.59
CA LEU C 172 21.99 54.91 -21.48
C LEU C 172 21.22 53.63 -21.16
N THR C 173 20.76 53.49 -19.89
CA THR C 173 19.99 52.33 -19.40
C THR C 173 18.59 52.72 -18.91
N SER C 174 18.46 53.92 -18.33
CA SER C 174 17.18 54.39 -17.77
C SER C 174 16.12 54.60 -18.88
N GLY C 175 14.94 54.00 -18.71
CA GLY C 175 13.83 54.14 -19.66
C GLY C 175 13.97 53.34 -20.94
N VAL C 176 14.93 52.41 -21.00
CA VAL C 176 15.10 51.55 -22.19
C VAL C 176 14.20 50.32 -22.03
N HIS C 177 13.51 49.92 -23.13
CA HIS C 177 12.75 48.68 -23.21
C HIS C 177 13.15 47.99 -24.50
N THR C 178 13.82 46.84 -24.37
CA THR C 178 14.21 46.03 -25.53
C THR C 178 13.22 44.84 -25.54
N PHE C 179 12.46 44.78 -26.60
CA PHE C 179 11.41 43.78 -26.69
C PHE C 179 11.89 42.39 -27.12
N PRO C 180 11.15 41.34 -26.71
CA PRO C 180 11.43 39.99 -27.24
C PRO C 180 11.19 39.98 -28.77
N ALA C 181 11.98 39.18 -29.49
CA ALA C 181 11.81 39.06 -30.94
C ALA C 181 10.50 38.41 -31.31
N VAL C 182 9.99 38.70 -32.52
CA VAL C 182 8.81 38.05 -33.10
C VAL C 182 9.31 37.30 -34.32
N LEU C 183 8.75 36.11 -34.59
CA LEU C 183 9.14 35.36 -35.77
C LEU C 183 8.14 35.71 -36.85
N GLN C 184 8.61 36.33 -37.92
CA GLN C 184 7.75 36.79 -39.02
C GLN C 184 7.28 35.64 -39.93
N SER C 185 6.30 35.89 -40.82
CA SER C 185 5.82 34.85 -41.76
C SER C 185 6.94 34.43 -42.74
N SER C 186 7.92 35.31 -42.91
CA SER C 186 9.07 35.12 -43.77
C SER C 186 10.08 34.09 -43.20
N GLY C 187 9.95 33.76 -41.92
CA GLY C 187 10.86 32.88 -41.19
C GLY C 187 12.02 33.65 -40.61
N LEU C 188 12.02 34.99 -40.75
CA LEU C 188 13.08 35.84 -40.18
C LEU C 188 12.56 36.54 -38.92
N TYR C 189 13.44 36.89 -38.01
CA TYR C 189 13.01 37.52 -36.75
C TYR C 189 13.11 39.03 -36.84
N SER C 190 12.42 39.70 -35.90
CA SER C 190 12.45 41.15 -35.81
CA SER C 190 12.43 41.16 -35.81
C SER C 190 12.22 41.54 -34.36
N LEU C 191 12.88 42.58 -33.91
CA LEU C 191 12.67 43.12 -32.57
C LEU C 191 12.86 44.60 -32.60
N SER C 192 12.34 45.26 -31.58
CA SER C 192 12.47 46.70 -31.45
CA SER C 192 12.50 46.69 -31.45
C SER C 192 13.06 47.00 -30.07
N SER C 193 13.79 48.10 -29.97
CA SER C 193 14.33 48.58 -28.70
C SER C 193 13.96 50.05 -28.66
N VAL C 194 13.41 50.51 -27.55
CA VAL C 194 12.96 51.89 -27.43
C VAL C 194 13.53 52.52 -26.16
N VAL C 195 13.52 53.86 -26.13
CA VAL C 195 13.94 54.62 -24.96
C VAL C 195 13.10 55.90 -24.89
N THR C 196 12.67 56.30 -23.68
CA THR C 196 11.94 57.55 -23.49
C THR C 196 12.97 58.52 -22.92
N VAL C 197 12.98 59.72 -23.46
CA VAL C 197 13.95 60.74 -23.08
C VAL C 197 13.27 62.10 -22.95
N PRO C 198 13.89 63.10 -22.27
CA PRO C 198 13.27 64.44 -22.24
C PRO C 198 13.23 64.98 -23.68
N SER C 199 12.08 65.54 -24.10
CA SER C 199 11.91 66.08 -25.45
C SER C 199 12.90 67.22 -25.78
N SER C 200 13.36 67.96 -24.75
CA SER C 200 14.34 69.05 -24.90
C SER C 200 15.72 68.54 -25.32
N SER C 201 16.03 67.26 -25.04
CA SER C 201 17.31 66.63 -25.37
C SER C 201 17.45 66.26 -26.86
N LEU C 202 16.33 66.21 -27.61
CA LEU C 202 16.35 65.90 -29.04
C LEU C 202 16.95 67.09 -29.78
N GLY C 203 18.02 66.84 -30.53
CA GLY C 203 18.71 67.90 -31.26
C GLY C 203 19.95 68.41 -30.56
N THR C 204 20.15 67.98 -29.30
CA THR C 204 21.33 68.32 -28.51
C THR C 204 22.13 67.02 -28.22
N LYS C 205 21.48 66.01 -27.61
CA LYS C 205 22.13 64.74 -27.27
C LYS C 205 21.93 63.72 -28.37
N THR C 206 22.94 62.88 -28.60
CA THR C 206 22.88 61.84 -29.61
C THR C 206 22.40 60.53 -29.00
N TYR C 207 21.60 59.80 -29.76
CA TYR C 207 21.05 58.52 -29.33
C TYR C 207 21.37 57.49 -30.37
N THR C 208 22.14 56.48 -29.97
CA THR C 208 22.58 55.45 -30.89
C THR C 208 22.34 54.08 -30.30
N CYS C 209 21.63 53.19 -31.05
N CYS C 209 21.65 53.20 -31.05
CA CYS C 209 21.41 51.82 -30.56
CA CYS C 209 21.48 51.84 -30.55
C CYS C 209 22.48 50.88 -31.12
C CYS C 209 22.64 51.01 -31.07
N ASN C 210 23.14 50.09 -30.24
CA ASN C 210 24.25 49.19 -30.59
C ASN C 210 23.69 47.79 -30.66
N VAL C 211 23.64 47.23 -31.87
CA VAL C 211 23.04 45.93 -32.15
C VAL C 211 24.14 44.92 -32.44
N ASP C 212 24.10 43.79 -31.73
CA ASP C 212 25.05 42.70 -31.91
C ASP C 212 24.31 41.43 -32.30
N HIS C 213 24.64 40.85 -33.47
CA HIS C 213 24.07 39.57 -33.92
C HIS C 213 25.24 38.60 -34.12
N LYS C 214 25.69 37.98 -33.04
CA LYS C 214 26.82 37.04 -33.03
C LYS C 214 26.70 35.91 -34.07
N PRO C 215 25.51 35.25 -34.28
CA PRO C 215 25.42 34.19 -35.32
C PRO C 215 25.88 34.60 -36.73
N SER C 216 25.69 35.87 -37.13
CA SER C 216 26.14 36.30 -38.45
C SER C 216 27.38 37.20 -38.37
N ASN C 217 28.01 37.30 -37.15
CA ASN C 217 29.19 38.15 -36.89
C ASN C 217 28.91 39.63 -37.32
N THR C 218 27.69 40.12 -37.04
CA THR C 218 27.26 41.46 -37.41
C THR C 218 27.13 42.35 -36.19
N LYS C 219 27.66 43.58 -36.31
CA LYS C 219 27.59 44.65 -35.31
C LYS C 219 27.13 45.90 -36.06
N VAL C 220 26.07 46.56 -35.55
CA VAL C 220 25.53 47.80 -36.15
C VAL C 220 25.38 48.88 -35.08
N ASP C 221 25.84 50.11 -35.37
CA ASP C 221 25.60 51.28 -34.52
C ASP C 221 24.66 52.18 -35.32
N LYS C 222 23.42 52.34 -34.84
CA LYS C 222 22.41 53.14 -35.53
C LYS C 222 22.10 54.40 -34.77
N ARG C 223 22.49 55.56 -35.32
CA ARG C 223 22.13 56.83 -34.67
C ARG C 223 20.69 57.16 -35.08
N VAL C 224 19.87 57.49 -34.09
CA VAL C 224 18.45 57.81 -34.29
C VAL C 224 18.18 59.33 -34.15
N GLU D 1 0.52 8.44 -19.08
CA GLU D 1 1.38 9.58 -18.73
C GLU D 1 0.67 10.50 -17.73
N ILE D 2 1.44 11.02 -16.76
CA ILE D 2 0.95 11.93 -15.74
C ILE D 2 0.70 13.30 -16.38
N VAL D 3 -0.29 14.04 -15.87
CA VAL D 3 -0.52 15.42 -16.26
C VAL D 3 -0.42 16.19 -14.95
N LEU D 4 0.39 17.27 -14.93
CA LEU D 4 0.51 18.12 -13.75
C LEU D 4 -0.15 19.44 -14.08
N THR D 5 -1.08 19.86 -13.24
CA THR D 5 -1.82 21.11 -13.44
C THR D 5 -1.48 22.09 -12.33
N GLN D 6 -0.95 23.25 -12.71
CA GLN D 6 -0.61 24.28 -11.74
C GLN D 6 -1.66 25.36 -11.70
N SER D 7 -1.88 25.91 -10.52
CA SER D 7 -2.79 27.02 -10.31
C SER D 7 -2.26 27.94 -9.22
N PRO D 8 -2.53 29.25 -9.37
CA PRO D 8 -3.20 29.92 -10.51
C PRO D 8 -2.17 30.06 -11.65
N ALA D 9 -2.57 30.47 -12.86
CA ALA D 9 -1.59 30.64 -13.95
C ALA D 9 -0.70 31.90 -13.66
N THR D 10 -1.31 32.94 -13.05
CA THR D 10 -0.62 34.17 -12.64
C THR D 10 -1.04 34.51 -11.21
N LEU D 11 -0.06 34.86 -10.38
CA LEU D 11 -0.28 35.28 -9.00
C LEU D 11 0.29 36.69 -8.91
N SER D 12 -0.58 37.65 -8.53
CA SER D 12 -0.19 39.06 -8.44
CA SER D 12 -0.17 39.06 -8.43
C SER D 12 -0.14 39.43 -6.98
N LEU D 13 1.08 39.65 -6.45
CA LEU D 13 1.26 39.95 -5.02
C LEU D 13 2.31 41.01 -4.82
N SER D 14 2.41 41.53 -3.59
CA SER D 14 3.41 42.53 -3.29
C SER D 14 4.57 41.93 -2.49
N PRO D 15 5.79 42.51 -2.54
CA PRO D 15 6.86 41.99 -1.69
C PRO D 15 6.43 42.04 -0.23
N GLY D 16 6.80 41.02 0.52
CA GLY D 16 6.41 40.90 1.92
C GLY D 16 5.22 40.00 2.11
N GLU D 17 4.39 39.77 1.07
CA GLU D 17 3.22 38.92 1.18
C GLU D 17 3.57 37.43 1.04
N ARG D 18 2.69 36.57 1.55
CA ARG D 18 2.81 35.12 1.45
C ARG D 18 2.29 34.67 0.09
N ALA D 19 3.02 33.77 -0.59
CA ALA D 19 2.60 33.21 -1.88
C ALA D 19 2.31 31.74 -1.69
N THR D 20 1.17 31.27 -2.18
CA THR D 20 0.74 29.88 -2.13
C THR D 20 0.49 29.43 -3.58
N LEU D 21 1.29 28.46 -4.04
CA LEU D 21 1.23 27.91 -5.42
C LEU D 21 0.79 26.47 -5.36
N SER D 22 -0.10 26.08 -6.26
CA SER D 22 -0.66 24.74 -6.31
CA SER D 22 -0.68 24.73 -6.31
C SER D 22 -0.21 23.92 -7.50
N CYS D 23 -0.06 22.61 -7.27
CA CYS D 23 0.29 21.63 -8.27
C CYS D 23 -0.57 20.42 -7.97
N ARG D 24 -1.32 19.97 -8.97
CA ARG D 24 -2.19 18.82 -8.83
C ARG D 24 -1.81 17.80 -9.90
N ALA D 25 -1.63 16.54 -9.49
CA ALA D 25 -1.26 15.46 -10.41
C ALA D 25 -2.53 14.65 -10.80
N SER D 26 -2.60 14.20 -12.06
CA SER D 26 -3.71 13.40 -12.60
C SER D 26 -3.89 12.06 -11.84
N GLN D 27 -2.79 11.50 -11.34
CA GLN D 27 -2.77 10.29 -10.50
C GLN D 27 -1.61 10.37 -9.50
N SER D 28 -1.59 9.50 -8.48
CA SER D 28 -0.55 9.55 -7.45
C SER D 28 0.86 9.49 -8.02
N ILE D 29 1.73 10.35 -7.48
CA ILE D 29 3.15 10.38 -7.85
C ILE D 29 3.93 10.21 -6.55
N SER D 30 3.23 9.66 -5.53
CA SER D 30 3.75 9.47 -4.17
C SER D 30 4.20 10.88 -3.71
N ASN D 31 5.40 11.02 -3.20
CA ASN D 31 5.92 12.31 -2.76
C ASN D 31 7.04 12.81 -3.68
N ASN D 32 7.21 12.16 -4.84
CA ASN D 32 8.26 12.48 -5.81
C ASN D 32 7.85 13.65 -6.70
N LEU D 33 7.66 14.80 -6.05
CA LEU D 33 7.24 16.07 -6.66
C LEU D 33 8.25 17.12 -6.23
N HIS D 34 8.77 17.84 -7.21
CA HIS D 34 9.84 18.82 -6.97
C HIS D 34 9.45 20.17 -7.53
N TRP D 35 9.98 21.26 -6.96
CA TRP D 35 9.61 22.60 -7.41
C TRP D 35 10.84 23.31 -7.94
N TYR D 36 10.64 24.06 -9.04
CA TYR D 36 11.69 24.79 -9.71
C TYR D 36 11.31 26.23 -9.91
N GLN D 37 12.30 27.12 -9.96
CA GLN D 37 12.10 28.53 -10.26
C GLN D 37 12.80 28.80 -11.59
N GLN D 38 12.22 29.66 -12.41
CA GLN D 38 12.90 30.04 -13.65
C GLN D 38 12.75 31.52 -13.91
N LYS D 39 13.91 32.16 -14.16
CA LYS D 39 14.00 33.57 -14.49
C LYS D 39 14.39 33.68 -15.96
N PRO D 40 14.02 34.80 -16.63
CA PRO D 40 14.33 34.95 -18.07
C PRO D 40 15.79 34.76 -18.41
N GLY D 41 16.02 33.99 -19.48
CA GLY D 41 17.34 33.67 -19.98
C GLY D 41 18.17 32.75 -19.09
N GLN D 42 17.55 32.08 -18.11
CA GLN D 42 18.27 31.16 -17.22
C GLN D 42 17.61 29.79 -17.24
N ALA D 43 18.37 28.75 -16.87
CA ALA D 43 17.88 27.39 -16.73
C ALA D 43 16.99 27.35 -15.47
N PRO D 44 16.04 26.37 -15.35
CA PRO D 44 15.29 26.24 -14.09
C PRO D 44 16.24 25.93 -12.95
N ARG D 45 15.84 26.32 -11.75
CA ARG D 45 16.60 26.15 -10.52
C ARG D 45 15.77 25.37 -9.52
N LEU D 46 16.34 24.28 -8.97
CA LEU D 46 15.61 23.46 -8.01
C LEU D 46 15.46 24.21 -6.66
N LEU D 47 14.26 24.24 -6.11
CA LEU D 47 13.96 24.92 -4.83
C LEU D 47 13.69 23.98 -3.68
N ILE D 48 12.83 22.97 -3.93
CA ILE D 48 12.35 22.00 -2.94
C ILE D 48 12.29 20.65 -3.62
N TYR D 49 12.73 19.61 -2.93
CA TYR D 49 12.63 18.29 -3.55
C TYR D 49 11.86 17.31 -2.66
N TYR D 50 11.34 16.24 -3.25
CA TYR D 50 10.58 15.21 -2.55
C TYR D 50 9.50 15.87 -1.67
N THR D 51 8.66 16.72 -2.31
CA THR D 51 7.55 17.49 -1.72
C THR D 51 7.96 18.56 -0.75
N SER D 52 8.83 18.28 0.25
CA SER D 52 9.14 19.22 1.32
C SER D 52 10.62 19.36 1.73
N ARG D 53 11.52 18.60 1.11
CA ARG D 53 12.92 18.59 1.55
C ARG D 53 13.72 19.79 1.01
N SER D 54 14.60 20.31 1.86
CA SER D 54 15.43 21.49 1.58
C SER D 54 16.54 21.20 0.57
N VAL D 55 16.86 22.22 -0.23
CA VAL D 55 17.87 22.16 -1.28
C VAL D 55 18.99 23.12 -0.92
N SER D 56 20.23 22.70 -1.19
CA SER D 56 21.40 23.51 -0.87
C SER D 56 21.39 24.90 -1.46
N GLY D 57 21.58 25.89 -0.57
CA GLY D 57 21.64 27.31 -0.91
C GLY D 57 20.30 27.99 -1.09
N ILE D 58 19.17 27.28 -0.93
CA ILE D 58 17.85 27.89 -1.10
C ILE D 58 17.41 28.56 0.22
N PRO D 59 16.89 29.80 0.16
CA PRO D 59 16.45 30.48 1.40
C PRO D 59 15.33 29.76 2.11
N ALA D 60 15.30 29.92 3.43
CA ALA D 60 14.34 29.28 4.32
C ALA D 60 12.87 29.63 4.04
N ARG D 61 12.60 30.79 3.42
CA ARG D 61 11.20 31.21 3.13
C ARG D 61 10.44 30.27 2.15
N PHE D 62 11.17 29.39 1.42
CA PHE D 62 10.51 28.43 0.54
C PHE D 62 10.28 27.15 1.28
N SER D 63 9.05 26.67 1.25
CA SER D 63 8.74 25.38 1.88
C SER D 63 7.70 24.69 1.00
N GLY D 64 7.61 23.40 1.11
CA GLY D 64 6.67 22.63 0.31
C GLY D 64 5.87 21.68 1.17
N SER D 65 4.66 21.38 0.72
CA SER D 65 3.80 20.43 1.42
C SER D 65 2.92 19.69 0.42
N GLY D 66 2.23 18.69 0.92
CA GLY D 66 1.33 17.92 0.06
C GLY D 66 1.58 16.45 0.17
N SER D 67 0.83 15.70 -0.62
CA SER D 67 0.98 14.24 -0.66
C SER D 67 0.14 13.67 -1.75
N GLY D 68 0.77 12.79 -2.53
CA GLY D 68 0.14 12.03 -3.59
C GLY D 68 -0.35 12.76 -4.81
N THR D 69 -1.48 13.46 -4.67
CA THR D 69 -2.14 14.14 -5.77
CA THR D 69 -2.12 14.12 -5.79
C THR D 69 -2.15 15.67 -5.63
N ASP D 70 -2.08 16.22 -4.40
CA ASP D 70 -2.16 17.68 -4.24
C ASP D 70 -0.94 18.24 -3.57
N PHE D 71 -0.30 19.23 -4.20
CA PHE D 71 0.95 19.80 -3.69
C PHE D 71 0.93 21.30 -3.63
N THR D 72 1.69 21.86 -2.66
CA THR D 72 1.75 23.29 -2.49
C THR D 72 3.17 23.77 -2.27
N LEU D 73 3.52 24.89 -2.91
CA LEU D 73 4.80 25.56 -2.64
C LEU D 73 4.40 26.86 -1.95
N THR D 74 5.01 27.12 -0.79
CA THR D 74 4.75 28.36 -0.05
C THR D 74 6.01 29.20 0.00
N ILE D 75 5.86 30.51 -0.26
CA ILE D 75 6.95 31.49 -0.08
C ILE D 75 6.40 32.35 1.06
N SER D 76 6.96 32.19 2.29
CA SER D 76 6.42 32.82 3.50
C SER D 76 6.27 34.35 3.43
N SER D 77 7.27 35.02 2.83
CA SER D 77 7.29 36.46 2.63
C SER D 77 8.10 36.75 1.38
N LEU D 78 7.43 37.19 0.30
CA LEU D 78 8.07 37.44 -1.00
C LEU D 78 9.17 38.48 -0.95
N GLU D 79 10.29 38.16 -1.59
CA GLU D 79 11.39 39.09 -1.78
C GLU D 79 11.33 39.54 -3.24
N PRO D 80 11.91 40.70 -3.63
CA PRO D 80 11.86 41.13 -5.06
C PRO D 80 12.42 40.11 -6.06
N GLU D 81 13.45 39.35 -5.65
CA GLU D 81 14.07 38.31 -6.49
C GLU D 81 13.20 37.06 -6.65
N ASP D 82 12.06 36.97 -5.95
CA ASP D 82 11.17 35.80 -6.04
C ASP D 82 10.12 35.92 -7.14
N PHE D 83 10.01 37.08 -7.77
CA PHE D 83 9.00 37.29 -8.81
C PHE D 83 9.55 36.67 -10.07
N ALA D 84 9.00 35.52 -10.44
CA ALA D 84 9.53 34.66 -11.53
C ALA D 84 8.49 33.62 -11.84
N VAL D 85 8.86 32.61 -12.66
CA VAL D 85 7.97 31.52 -13.00
C VAL D 85 8.36 30.33 -12.16
N TYR D 86 7.36 29.54 -11.73
CA TYR D 86 7.58 28.36 -10.89
C TYR D 86 6.94 27.16 -11.54
N TYR D 87 7.68 26.06 -11.64
CA TYR D 87 7.20 24.82 -12.22
C TYR D 87 7.26 23.72 -11.17
N CYS D 88 6.29 22.81 -11.19
CA CYS D 88 6.41 21.58 -10.41
C CYS D 88 6.82 20.53 -11.43
N GLY D 89 7.56 19.53 -10.97
CA GLY D 89 8.02 18.44 -11.85
C GLY D 89 7.97 17.15 -11.06
N GLN D 90 7.43 16.09 -11.69
CA GLN D 90 7.38 14.78 -11.05
C GLN D 90 8.41 13.84 -11.68
N ASN D 91 8.97 12.95 -10.87
CA ASN D 91 9.87 11.91 -11.37
C ASN D 91 9.58 10.56 -10.67
N ASN D 92 8.33 10.39 -10.18
CA ASN D 92 7.90 9.12 -9.60
C ASN D 92 7.95 8.09 -10.71
N GLU D 93 7.64 8.51 -11.93
CA GLU D 93 7.67 7.66 -13.10
C GLU D 93 8.24 8.38 -14.30
N TRP D 94 8.70 7.61 -15.27
CA TRP D 94 9.17 8.14 -16.54
C TRP D 94 8.09 7.94 -17.59
N PRO D 95 7.86 8.92 -18.49
CA PRO D 95 8.61 10.18 -18.64
C PRO D 95 8.41 11.14 -17.47
N GLU D 96 9.44 11.96 -17.17
CA GLU D 96 9.23 13.01 -16.18
C GLU D 96 8.20 13.95 -16.81
N VAL D 97 7.40 14.60 -15.99
CA VAL D 97 6.40 15.56 -16.48
C VAL D 97 6.48 16.80 -15.61
N PHE D 98 6.35 17.97 -16.22
CA PHE D 98 6.36 19.27 -15.52
C PHE D 98 4.97 19.91 -15.67
N GLY D 99 4.59 20.71 -14.68
CA GLY D 99 3.37 21.52 -14.78
C GLY D 99 3.59 22.64 -15.78
N GLY D 100 2.51 23.36 -16.09
CA GLY D 100 2.54 24.44 -17.08
C GLY D 100 3.15 25.74 -16.58
N GLY D 101 3.39 25.81 -15.27
CA GLY D 101 4.00 26.97 -14.64
C GLY D 101 3.02 27.97 -14.07
N THR D 102 3.46 28.69 -13.03
CA THR D 102 2.74 29.79 -12.41
C THR D 102 3.69 30.98 -12.42
N LYS D 103 3.25 32.11 -12.99
CA LYS D 103 4.05 33.32 -13.01
C LYS D 103 3.68 34.15 -11.78
N VAL D 104 4.67 34.46 -10.92
CA VAL D 104 4.41 35.32 -9.76
C VAL D 104 4.86 36.70 -10.14
N GLU D 105 3.91 37.64 -10.27
CA GLU D 105 4.26 39.00 -10.66
C GLU D 105 3.96 40.01 -9.54
N ILE D 106 4.51 41.20 -9.62
CA ILE D 106 4.27 42.25 -8.63
C ILE D 106 2.93 42.93 -8.92
N LYS D 107 2.11 43.03 -7.88
CA LYS D 107 0.86 43.75 -7.92
C LYS D 107 1.15 45.22 -7.59
N ARG D 108 0.70 46.12 -8.43
CA ARG D 108 0.84 47.55 -8.24
C ARG D 108 -0.46 48.22 -8.67
N THR D 109 -0.57 49.54 -8.55
CA THR D 109 -1.79 50.23 -8.98
C THR D 109 -1.91 50.20 -10.49
N VAL D 110 -3.12 50.39 -10.99
CA VAL D 110 -3.39 50.48 -12.43
C VAL D 110 -2.65 51.68 -12.99
N ALA D 111 -1.98 51.49 -14.13
CA ALA D 111 -1.25 52.57 -14.79
C ALA D 111 -1.54 52.52 -16.28
N ALA D 112 -2.17 53.59 -16.80
CA ALA D 112 -2.50 53.66 -18.21
C ALA D 112 -1.21 53.77 -19.04
N PRO D 113 -1.19 53.24 -20.26
CA PRO D 113 0.03 53.39 -21.06
C PRO D 113 0.15 54.75 -21.71
N SER D 114 1.40 55.17 -21.95
CA SER D 114 1.70 56.35 -22.74
CA SER D 114 1.74 56.35 -22.73
C SER D 114 1.88 55.74 -24.12
N VAL D 115 1.21 56.30 -25.15
CA VAL D 115 1.24 55.71 -26.50
C VAL D 115 2.00 56.56 -27.48
N PHE D 116 2.83 55.91 -28.33
CA PHE D 116 3.62 56.59 -29.33
C PHE D 116 3.51 55.85 -30.66
N ILE D 117 3.48 56.58 -31.79
CA ILE D 117 3.43 55.97 -33.12
C ILE D 117 4.66 56.40 -33.89
N PHE D 118 5.23 55.45 -34.67
CA PHE D 118 6.41 55.73 -35.46
C PHE D 118 6.16 55.40 -36.92
N PRO D 119 6.36 56.36 -37.82
CA PRO D 119 6.19 56.05 -39.26
C PRO D 119 7.35 55.19 -39.79
N PRO D 120 7.23 54.55 -40.98
CA PRO D 120 8.41 53.85 -41.51
C PRO D 120 9.49 54.85 -41.91
N SER D 121 10.75 54.42 -41.87
CA SER D 121 11.88 55.27 -42.24
C SER D 121 12.03 55.40 -43.76
N ASP D 122 12.72 56.47 -44.24
CA ASP D 122 13.01 56.69 -45.65
C ASP D 122 13.85 55.55 -46.20
N GLU D 123 14.81 55.06 -45.38
CA GLU D 123 15.71 53.97 -45.70
C GLU D 123 14.97 52.68 -45.98
N GLN D 124 13.99 52.31 -45.13
CA GLN D 124 13.23 51.08 -45.33
C GLN D 124 12.31 51.20 -46.54
N LEU D 125 11.68 52.37 -46.73
CA LEU D 125 10.77 52.59 -47.86
C LEU D 125 11.45 52.39 -49.21
N LYS D 126 12.72 52.85 -49.33
CA LYS D 126 13.54 52.70 -50.53
C LYS D 126 13.71 51.21 -50.88
N SER D 127 13.70 50.34 -49.86
CA SER D 127 13.86 48.89 -50.02
C SER D 127 12.54 48.13 -50.33
N GLY D 128 11.40 48.81 -50.35
CA GLY D 128 10.13 48.19 -50.74
C GLY D 128 9.15 47.75 -49.67
N THR D 129 9.47 47.93 -48.38
CA THR D 129 8.57 47.52 -47.28
C THR D 129 8.37 48.71 -46.35
N ALA D 130 7.19 48.80 -45.72
CA ALA D 130 6.89 49.83 -44.73
C ALA D 130 6.49 49.15 -43.42
N SER D 131 7.26 49.39 -42.36
CA SER D 131 6.93 48.92 -41.02
C SER D 131 6.50 50.13 -40.21
N VAL D 132 5.31 50.08 -39.61
CA VAL D 132 4.76 51.13 -38.75
C VAL D 132 4.73 50.57 -37.32
N VAL D 133 5.26 51.32 -36.35
CA VAL D 133 5.38 50.79 -34.99
C VAL D 133 4.55 51.61 -34.01
N CYS D 134 3.83 50.93 -33.10
CA CYS D 134 3.04 51.56 -32.04
C CYS D 134 3.64 51.06 -30.72
N LEU D 135 3.96 51.99 -29.81
CA LEU D 135 4.56 51.64 -28.53
C LEU D 135 3.58 52.00 -27.42
N LEU D 136 3.36 51.07 -26.48
CA LEU D 136 2.52 51.28 -25.30
C LEU D 136 3.51 51.19 -24.17
N ASN D 137 3.76 52.32 -23.51
CA ASN D 137 4.80 52.38 -22.51
C ASN D 137 4.35 52.45 -21.08
N ASN D 138 4.95 51.59 -20.22
CA ASN D 138 4.79 51.58 -18.78
C ASN D 138 3.35 51.53 -18.27
N PHE D 139 2.70 50.42 -18.52
CA PHE D 139 1.32 50.19 -18.11
C PHE D 139 1.18 48.99 -17.18
N TYR D 140 0.04 48.91 -16.52
CA TYR D 140 -0.27 47.81 -15.61
C TYR D 140 -1.77 47.78 -15.46
N PRO D 141 -2.42 46.59 -15.48
CA PRO D 141 -1.83 45.24 -15.67
C PRO D 141 -1.39 44.98 -17.10
N ARG D 142 -0.81 43.82 -17.34
CA ARG D 142 -0.27 43.42 -18.67
C ARG D 142 -1.27 43.44 -19.86
N GLU D 143 -2.54 43.17 -19.59
CA GLU D 143 -3.58 43.09 -20.61
C GLU D 143 -3.79 44.41 -21.31
N ALA D 144 -3.63 44.44 -22.63
CA ALA D 144 -3.83 45.64 -23.45
C ALA D 144 -4.24 45.19 -24.83
N LYS D 145 -4.98 46.03 -25.55
CA LYS D 145 -5.46 45.70 -26.89
C LYS D 145 -5.00 46.82 -27.81
N VAL D 146 -4.39 46.46 -28.95
CA VAL D 146 -3.93 47.43 -29.96
C VAL D 146 -4.68 47.15 -31.24
N GLN D 147 -5.26 48.19 -31.87
CA GLN D 147 -5.96 48.00 -33.13
C GLN D 147 -5.40 48.99 -34.13
N TRP D 148 -4.87 48.48 -35.23
CA TRP D 148 -4.31 49.28 -36.30
C TRP D 148 -5.43 49.69 -37.24
N LYS D 149 -5.38 50.93 -37.72
CA LYS D 149 -6.38 51.47 -38.66
C LYS D 149 -5.66 52.23 -39.75
N VAL D 150 -5.96 51.93 -41.00
CA VAL D 150 -5.35 52.60 -42.16
C VAL D 150 -6.53 53.23 -42.91
N ASP D 151 -6.63 54.59 -42.90
CA ASP D 151 -7.77 55.36 -43.47
C ASP D 151 -9.12 54.79 -42.96
N ASN D 152 -9.20 54.61 -41.63
CA ASN D 152 -10.33 54.05 -40.87
C ASN D 152 -10.61 52.55 -41.11
N ALA D 153 -9.88 51.86 -42.04
CA ALA D 153 -10.08 50.42 -42.25
C ALA D 153 -9.27 49.67 -41.19
N LEU D 154 -9.95 48.80 -40.41
CA LEU D 154 -9.32 48.02 -39.34
C LEU D 154 -8.41 46.97 -39.97
N GLN D 155 -7.19 46.88 -39.44
CA GLN D 155 -6.20 45.92 -39.92
C GLN D 155 -6.17 44.71 -39.02
N SER D 156 -5.96 43.54 -39.61
CA SER D 156 -5.86 42.28 -38.84
C SER D 156 -4.98 41.31 -39.62
N GLY D 157 -4.19 40.52 -38.90
CA GLY D 157 -3.29 39.53 -39.48
C GLY D 157 -1.99 40.04 -40.08
N ASN D 158 -1.78 41.37 -40.13
CA ASN D 158 -0.56 41.96 -40.69
C ASN D 158 0.26 42.71 -39.63
N SER D 159 0.07 42.35 -38.35
CA SER D 159 0.85 42.96 -37.28
C SER D 159 1.31 41.90 -36.31
N GLN D 160 2.41 42.17 -35.64
CA GLN D 160 2.90 41.27 -34.60
C GLN D 160 3.25 42.14 -33.40
N GLU D 161 3.04 41.61 -32.19
CA GLU D 161 3.34 42.34 -30.97
C GLU D 161 4.28 41.58 -30.05
N SER D 162 4.97 42.32 -29.19
CA SER D 162 5.85 41.71 -28.20
C SER D 162 5.67 42.52 -26.92
N VAL D 163 5.88 41.88 -25.74
CA VAL D 163 5.69 42.57 -24.44
C VAL D 163 6.95 42.35 -23.61
N THR D 164 7.41 43.37 -22.88
CA THR D 164 8.62 43.19 -22.04
C THR D 164 8.28 42.44 -20.77
N GLU D 165 9.33 42.02 -20.03
CA GLU D 165 9.15 41.45 -18.70
C GLU D 165 8.78 42.60 -17.78
N GLN D 166 8.12 42.31 -16.70
CA GLN D 166 7.73 43.35 -15.74
C GLN D 166 8.97 44.14 -15.28
N ASP D 167 8.91 45.49 -15.35
CA ASP D 167 10.05 46.33 -14.97
C ASP D 167 10.34 46.17 -13.44
N SER D 168 11.59 45.95 -13.06
CA SER D 168 11.99 45.72 -11.66
C SER D 168 11.76 46.93 -10.74
N LYS D 169 11.88 48.16 -11.29
CA LYS D 169 11.78 49.42 -10.56
C LYS D 169 10.37 49.97 -10.41
N ASP D 170 9.52 49.91 -11.47
CA ASP D 170 8.15 50.45 -11.36
C ASP D 170 7.03 49.42 -11.55
N SER D 171 7.37 48.10 -11.77
CA SER D 171 6.41 47.00 -11.90
C SER D 171 5.45 47.14 -13.10
N THR D 172 5.90 47.85 -14.15
CA THR D 172 5.05 48.04 -15.34
C THR D 172 5.46 47.12 -16.49
N TYR D 173 4.67 47.14 -17.58
CA TYR D 173 4.94 46.37 -18.79
C TYR D 173 4.94 47.37 -19.93
N SER D 174 5.61 47.03 -21.02
CA SER D 174 5.56 47.86 -22.20
C SER D 174 5.30 46.91 -23.36
N LEU D 175 4.72 47.41 -24.44
CA LEU D 175 4.36 46.56 -25.57
C LEU D 175 4.62 47.28 -26.86
N SER D 176 5.11 46.56 -27.84
CA SER D 176 5.38 47.12 -29.16
CA SER D 176 5.37 47.14 -29.14
C SER D 176 4.57 46.34 -30.16
N SER D 177 3.98 47.04 -31.13
CA SER D 177 3.20 46.39 -32.17
C SER D 177 3.73 46.91 -33.49
N THR D 178 3.97 46.00 -34.44
CA THR D 178 4.47 46.39 -35.75
C THR D 178 3.52 45.98 -36.85
N LEU D 179 3.08 46.93 -37.66
CA LEU D 179 2.24 46.75 -38.85
C LEU D 179 3.17 46.73 -40.05
N THR D 180 3.11 45.66 -40.86
CA THR D 180 3.97 45.54 -42.04
C THR D 180 3.12 45.57 -43.30
N LEU D 181 3.47 46.45 -44.21
CA LEU D 181 2.81 46.62 -45.52
C LEU D 181 3.87 46.74 -46.60
N SER D 182 3.48 46.50 -47.88
CA SER D 182 4.45 46.72 -48.96
C SER D 182 4.49 48.26 -49.18
N LYS D 183 5.58 48.77 -49.76
CA LYS D 183 5.72 50.19 -50.09
C LYS D 183 4.56 50.64 -51.01
N ALA D 184 4.19 49.81 -52.01
CA ALA D 184 3.06 50.13 -52.93
C ALA D 184 1.75 50.30 -52.17
N ASP D 185 1.46 49.39 -51.21
CA ASP D 185 0.24 49.42 -50.39
C ASP D 185 0.24 50.63 -49.46
N TYR D 186 1.41 50.93 -48.83
CA TYR D 186 1.61 52.06 -47.92
C TYR D 186 1.37 53.41 -48.60
N GLU D 187 1.87 53.53 -49.85
CA GLU D 187 1.76 54.77 -50.63
C GLU D 187 0.34 55.07 -51.11
N LYS D 188 -0.55 54.08 -51.08
CA LYS D 188 -1.95 54.20 -51.49
C LYS D 188 -2.86 54.78 -50.39
N HIS D 189 -2.34 54.98 -49.17
CA HIS D 189 -3.15 55.45 -48.04
C HIS D 189 -2.55 56.62 -47.31
N LYS D 190 -3.39 57.38 -46.59
CA LYS D 190 -2.98 58.60 -45.89
C LYS D 190 -2.85 58.47 -44.36
N VAL D 191 -3.94 58.14 -43.66
CA VAL D 191 -3.97 58.13 -42.18
C VAL D 191 -3.58 56.75 -41.62
N TYR D 192 -2.52 56.73 -40.79
CA TYR D 192 -2.02 55.50 -40.15
C TYR D 192 -2.22 55.72 -38.68
N ALA D 193 -3.03 54.86 -38.05
CA ALA D 193 -3.36 55.03 -36.65
C ALA D 193 -3.34 53.75 -35.83
N CYS D 194 -3.01 53.89 -34.56
CA CYS D 194 -3.06 52.76 -33.63
CA CYS D 194 -2.98 52.80 -33.60
C CYS D 194 -3.92 53.19 -32.43
N GLU D 195 -4.99 52.42 -32.21
CA GLU D 195 -5.99 52.65 -31.16
C GLU D 195 -5.68 51.68 -30.04
N VAL D 196 -5.55 52.19 -28.82
CA VAL D 196 -5.16 51.43 -27.64
C VAL D 196 -6.29 51.34 -26.61
N THR D 197 -6.58 50.12 -26.13
CA THR D 197 -7.56 49.86 -25.09
C THR D 197 -6.79 49.30 -23.88
N HIS D 198 -7.01 49.88 -22.69
CA HIS D 198 -6.39 49.41 -21.45
C HIS D 198 -7.25 49.81 -20.27
N GLN D 199 -7.21 49.05 -19.16
CA GLN D 199 -7.95 49.35 -17.92
C GLN D 199 -7.73 50.77 -17.36
N GLY D 200 -6.53 51.30 -17.57
CA GLY D 200 -6.11 52.64 -17.10
C GLY D 200 -6.79 53.78 -17.84
N LEU D 201 -7.36 53.48 -19.02
CA LEU D 201 -8.01 54.46 -19.89
C LEU D 201 -9.53 54.46 -19.77
N SER D 202 -10.14 55.67 -19.74
CA SER D 202 -11.62 55.80 -19.69
C SER D 202 -12.22 55.27 -21.01
N SER D 203 -11.58 55.61 -22.14
CA SER D 203 -11.99 55.20 -23.49
C SER D 203 -10.70 54.98 -24.36
N PRO D 204 -10.76 54.31 -25.53
CA PRO D 204 -9.52 54.09 -26.31
C PRO D 204 -8.76 55.33 -26.75
N VAL D 205 -7.44 55.26 -26.72
CA VAL D 205 -6.54 56.35 -27.11
C VAL D 205 -5.99 56.05 -28.51
N THR D 206 -6.02 57.04 -29.42
CA THR D 206 -5.52 56.92 -30.79
C THR D 206 -4.34 57.86 -31.03
N LYS D 207 -3.25 57.32 -31.60
CA LYS D 207 -2.09 58.07 -32.05
C LYS D 207 -2.04 57.82 -33.53
N SER D 208 -1.81 58.87 -34.29
CA SER D 208 -1.83 58.77 -35.74
C SER D 208 -0.88 59.73 -36.39
N PHE D 209 -0.62 59.50 -37.68
CA PHE D 209 0.18 60.39 -38.51
C PHE D 209 -0.38 60.29 -39.92
N ASN D 210 -0.11 61.34 -40.73
CA ASN D 210 -0.49 61.37 -42.14
C ASN D 210 0.77 61.16 -42.95
N ARG D 211 0.76 60.14 -43.83
CA ARG D 211 1.88 59.76 -44.68
C ARG D 211 2.42 60.98 -45.44
N GLY D 212 3.73 61.14 -45.50
CA GLY D 212 4.34 62.24 -46.24
C GLY D 212 4.44 63.54 -45.47
N GLU D 213 3.57 63.73 -44.43
CA GLU D 213 3.65 64.91 -43.57
C GLU D 213 4.74 64.73 -42.49
N CYS D 214 5.62 63.71 -42.67
CA CYS D 214 6.72 63.43 -41.76
C CYS D 214 8.03 63.97 -42.30
N GLU E 6 6.44 -11.63 1.51
CA GLU E 6 5.18 -12.33 1.78
C GLU E 6 5.13 -12.92 3.22
N LEU E 7 3.92 -13.11 3.70
CA LEU E 7 3.58 -13.55 5.06
C LEU E 7 3.15 -15.03 5.09
N ARG E 8 3.13 -15.66 3.92
CA ARG E 8 2.78 -17.07 3.73
C ARG E 8 3.09 -17.46 2.30
N CYS E 9 3.04 -18.76 1.99
CA CYS E 9 3.24 -19.25 0.60
C CYS E 9 2.11 -18.71 -0.25
N GLN E 10 2.43 -18.28 -1.46
CA GLN E 10 1.46 -17.70 -2.41
C GLN E 10 1.15 -18.69 -3.53
N CYS E 11 1.97 -19.75 -3.63
CA CYS E 11 1.88 -20.66 -4.76
C CYS E 11 1.53 -22.10 -4.39
N LEU E 12 0.24 -22.42 -4.38
CA LEU E 12 -0.19 -23.80 -4.13
C LEU E 12 0.13 -24.64 -5.37
N GLN E 13 -0.11 -24.07 -6.57
CA GLN E 13 0.14 -24.75 -7.85
C GLN E 13 1.03 -23.84 -8.72
N THR E 14 1.69 -24.44 -9.72
CA THR E 14 2.59 -23.70 -10.59
C THR E 14 2.37 -24.07 -12.05
N LEU E 15 3.01 -23.31 -12.96
CA LEU E 15 3.08 -23.63 -14.38
C LEU E 15 4.52 -24.13 -14.67
N GLN E 16 4.67 -25.12 -15.58
CA GLN E 16 5.99 -25.63 -15.96
C GLN E 16 6.84 -24.60 -16.74
N GLY E 17 6.18 -23.52 -17.17
CA GLY E 17 6.71 -22.37 -17.88
C GLY E 17 5.57 -21.54 -18.47
N ILE E 18 5.89 -20.47 -19.21
CA ILE E 18 4.96 -19.56 -19.91
C ILE E 18 5.71 -18.95 -21.10
N HIS E 19 5.05 -18.10 -21.90
CA HIS E 19 5.68 -17.40 -23.04
C HIS E 19 6.70 -16.39 -22.48
N PRO E 20 8.03 -16.57 -22.75
CA PRO E 20 9.03 -15.65 -22.16
C PRO E 20 8.90 -14.20 -22.60
N LYS E 21 8.37 -13.98 -23.83
CA LYS E 21 8.14 -12.68 -24.45
C LYS E 21 7.08 -11.87 -23.71
N ASN E 22 6.18 -12.52 -22.95
CA ASN E 22 5.12 -11.83 -22.20
C ASN E 22 5.53 -11.42 -20.78
N ILE E 23 6.66 -11.92 -20.28
CA ILE E 23 7.14 -11.64 -18.92
C ILE E 23 7.76 -10.24 -18.74
N GLN E 24 7.19 -9.46 -17.81
CA GLN E 24 7.64 -8.12 -17.40
C GLN E 24 8.70 -8.26 -16.30
N SER E 25 8.39 -9.09 -15.27
CA SER E 25 9.31 -9.32 -14.15
C SER E 25 9.07 -10.66 -13.48
N VAL E 26 10.05 -11.12 -12.72
CA VAL E 26 9.95 -12.36 -11.96
C VAL E 26 10.53 -12.09 -10.55
N ILE E 27 9.78 -12.49 -9.52
CA ILE E 27 10.26 -12.45 -8.16
C ILE E 27 10.61 -13.92 -7.79
N VAL E 28 11.82 -14.14 -7.29
CA VAL E 28 12.30 -15.44 -6.84
C VAL E 28 12.44 -15.26 -5.32
N LYS E 29 11.56 -15.91 -4.53
CA LYS E 29 11.55 -15.81 -3.06
C LYS E 29 12.18 -17.07 -2.47
N ALA E 30 13.18 -16.91 -1.61
CA ALA E 30 13.87 -18.02 -0.97
C ALA E 30 12.97 -18.55 0.16
N PRO E 31 13.19 -19.79 0.68
CA PRO E 31 12.45 -20.24 1.86
C PRO E 31 12.71 -19.29 3.01
N GLY E 32 11.68 -19.05 3.80
CA GLY E 32 11.78 -18.15 4.93
C GLY E 32 10.97 -18.63 6.11
N PRO E 33 10.81 -17.79 7.16
CA PRO E 33 10.04 -18.26 8.33
C PRO E 33 8.56 -18.55 8.07
N HIS E 34 7.96 -17.99 6.97
CA HIS E 34 6.54 -18.23 6.69
C HIS E 34 6.25 -18.99 5.40
N CYS E 35 7.28 -19.48 4.72
CA CYS E 35 7.14 -20.33 3.54
C CYS E 35 8.38 -21.20 3.40
N ALA E 36 8.21 -22.53 3.45
CA ALA E 36 9.34 -23.45 3.44
C ALA E 36 9.86 -23.79 2.06
N GLU E 37 9.22 -23.30 0.99
CA GLU E 37 9.71 -23.58 -0.34
C GLU E 37 10.00 -22.33 -1.15
N THR E 38 10.87 -22.47 -2.15
CA THR E 38 11.19 -21.38 -3.05
C THR E 38 9.96 -21.12 -3.89
N GLU E 39 9.59 -19.84 -4.03
CA GLU E 39 8.46 -19.44 -4.86
C GLU E 39 8.93 -18.52 -5.95
N VAL E 40 8.39 -18.71 -7.15
CA VAL E 40 8.70 -17.93 -8.32
C VAL E 40 7.38 -17.35 -8.84
N ILE E 41 7.24 -16.00 -8.83
CA ILE E 41 6.02 -15.37 -9.33
C ILE E 41 6.40 -14.47 -10.48
N ALA E 42 5.85 -14.74 -11.66
CA ALA E 42 6.07 -13.92 -12.83
C ALA E 42 4.94 -12.90 -12.99
N THR E 43 5.31 -11.64 -13.34
CA THR E 43 4.33 -10.60 -13.65
C THR E 43 4.42 -10.42 -15.17
N LEU E 44 3.30 -10.57 -15.84
CA LEU E 44 3.23 -10.46 -17.29
C LEU E 44 3.04 -9.01 -17.69
N LYS E 45 3.29 -8.70 -18.97
CA LYS E 45 3.17 -7.34 -19.50
C LYS E 45 1.74 -6.79 -19.39
N ASN E 46 0.72 -7.68 -19.32
CA ASN E 46 -0.68 -7.29 -19.12
C ASN E 46 -1.04 -7.10 -17.62
N GLY E 47 -0.07 -7.33 -16.74
CA GLY E 47 -0.24 -7.16 -15.30
C GLY E 47 -0.72 -8.39 -14.55
N GLN E 48 -0.93 -9.50 -15.27
CA GLN E 48 -1.35 -10.78 -14.68
C GLN E 48 -0.16 -11.42 -13.97
N LYS E 49 -0.42 -12.13 -12.86
CA LYS E 49 0.62 -12.81 -12.10
C LYS E 49 0.45 -14.32 -12.22
N ALA E 50 1.57 -15.05 -12.32
CA ALA E 50 1.54 -16.51 -12.41
C ALA E 50 2.67 -17.14 -11.63
N CYS E 51 2.36 -18.24 -10.90
CA CYS E 51 3.34 -19.01 -10.13
C CYS E 51 4.05 -19.95 -11.07
N LEU E 52 5.38 -20.02 -10.96
CA LEU E 52 6.23 -20.89 -11.77
C LEU E 52 6.99 -21.88 -10.89
N ASN E 53 7.28 -23.06 -11.44
CA ASN E 53 7.97 -24.10 -10.73
C ASN E 53 9.46 -23.77 -10.67
N PRO E 54 10.03 -23.52 -9.47
CA PRO E 54 11.46 -23.16 -9.40
C PRO E 54 12.42 -24.23 -9.91
N ALA E 55 12.03 -25.51 -9.74
CA ALA E 55 12.79 -26.70 -10.18
C ALA E 55 12.74 -26.96 -11.69
N SER E 56 11.76 -26.38 -12.40
CA SER E 56 11.58 -26.55 -13.84
C SER E 56 12.79 -26.01 -14.64
N PRO E 57 13.37 -26.82 -15.56
CA PRO E 57 14.50 -26.33 -16.37
C PRO E 57 14.14 -25.14 -17.26
N MET E 58 12.91 -25.12 -17.82
CA MET E 58 12.43 -24.04 -18.70
C MET E 58 12.26 -22.71 -17.92
N VAL E 59 11.91 -22.80 -16.63
CA VAL E 59 11.77 -21.62 -15.76
C VAL E 59 13.15 -20.99 -15.54
N GLN E 60 14.16 -21.81 -15.22
CA GLN E 60 15.55 -21.39 -15.03
C GLN E 60 16.14 -20.76 -16.30
N LYS E 61 15.77 -21.31 -17.49
CA LYS E 61 16.18 -20.80 -18.80
C LYS E 61 15.47 -19.48 -19.18
N ILE E 62 14.24 -19.26 -18.69
CA ILE E 62 13.50 -18.01 -18.94
C ILE E 62 14.21 -16.86 -18.20
N ILE E 63 14.59 -17.11 -16.93
CA ILE E 63 15.30 -16.16 -16.06
C ILE E 63 16.62 -15.78 -16.73
N GLU E 64 17.39 -16.79 -17.20
CA GLU E 64 18.67 -16.62 -17.90
C GLU E 64 18.55 -15.70 -19.12
N LYS E 65 17.51 -15.91 -19.95
CA LYS E 65 17.26 -15.09 -21.14
C LYS E 65 16.94 -13.63 -20.78
N ILE E 66 16.25 -13.39 -19.63
CA ILE E 66 15.95 -12.02 -19.20
C ILE E 66 17.25 -11.37 -18.68
N LEU E 67 18.00 -12.09 -17.82
CA LEU E 67 19.26 -11.68 -17.22
C LEU E 67 20.33 -11.29 -18.27
N ASN E 68 20.26 -11.91 -19.46
CA ASN E 68 21.19 -11.66 -20.57
C ASN E 68 20.62 -10.72 -21.65
N LYS E 69 19.39 -10.20 -21.46
CA LYS E 69 18.76 -9.29 -22.41
C LYS E 69 19.18 -7.84 -22.16
N GLU F 6 10.27 -0.13 -11.22
CA GLU F 6 8.83 -0.32 -11.44
C GLU F 6 8.30 0.73 -12.43
N LEU F 7 8.33 2.00 -12.03
CA LEU F 7 7.84 3.12 -12.82
C LEU F 7 8.96 3.84 -13.61
N ARG F 8 10.22 3.42 -13.34
CA ARG F 8 11.47 3.96 -13.88
C ARG F 8 12.58 3.03 -13.44
N CYS F 9 13.81 3.20 -13.97
CA CYS F 9 14.97 2.42 -13.55
C CYS F 9 15.26 2.73 -12.09
N GLN F 10 15.57 1.71 -11.31
CA GLN F 10 15.84 1.84 -9.86
C GLN F 10 17.32 1.68 -9.59
N CYS F 11 18.08 1.18 -10.58
CA CYS F 11 19.48 0.85 -10.38
C CYS F 11 20.47 1.66 -11.20
N LEU F 12 20.93 2.77 -10.61
CA LEU F 12 21.96 3.58 -11.26
C LEU F 12 23.31 2.83 -11.24
N GLN F 13 23.60 2.16 -10.10
CA GLN F 13 24.82 1.38 -9.89
C GLN F 13 24.45 0.00 -9.38
N THR F 14 25.37 -0.97 -9.51
CA THR F 14 25.14 -2.34 -9.07
C THR F 14 26.31 -2.89 -8.27
N LEU F 15 26.10 -4.06 -7.64
CA LEU F 15 27.14 -4.83 -6.99
C LEU F 15 27.43 -6.04 -7.87
N GLN F 16 28.72 -6.45 -7.88
CA GLN F 16 29.24 -7.60 -8.61
C GLN F 16 28.59 -8.89 -8.06
N GLY F 17 28.36 -8.90 -6.74
CA GLY F 17 27.74 -9.98 -5.97
C GLY F 17 27.69 -9.66 -4.48
N ILE F 18 26.82 -10.40 -3.74
CA ILE F 18 26.64 -10.28 -2.27
C ILE F 18 26.64 -11.65 -1.62
N HIS F 19 26.52 -11.72 -0.27
CA HIS F 19 26.46 -12.99 0.48
C HIS F 19 25.14 -13.70 0.14
N PRO F 20 25.17 -14.88 -0.53
CA PRO F 20 23.91 -15.54 -0.95
C PRO F 20 23.00 -16.01 0.18
N LYS F 21 23.60 -16.33 1.35
CA LYS F 21 22.91 -16.78 2.56
C LYS F 21 22.03 -15.68 3.18
N ASN F 22 22.32 -14.41 2.90
CA ASN F 22 21.58 -13.26 3.43
C ASN F 22 20.37 -12.86 2.54
N ILE F 23 20.27 -13.40 1.32
CA ILE F 23 19.22 -13.04 0.38
C ILE F 23 17.85 -13.71 0.69
N GLN F 24 16.82 -12.87 0.89
CA GLN F 24 15.47 -13.37 1.12
CA GLN F 24 15.42 -13.24 1.16
C GLN F 24 14.72 -13.45 -0.21
N SER F 25 14.89 -12.48 -1.13
CA SER F 25 14.26 -12.53 -2.45
C SER F 25 15.02 -11.72 -3.49
N VAL F 26 14.76 -11.99 -4.76
CA VAL F 26 15.36 -11.27 -5.87
C VAL F 26 14.26 -11.00 -6.90
N ILE F 27 14.16 -9.75 -7.35
CA ILE F 27 13.29 -9.37 -8.45
C ILE F 27 14.17 -9.18 -9.68
N VAL F 28 13.83 -9.84 -10.78
CA VAL F 28 14.51 -9.73 -12.07
C VAL F 28 13.49 -9.03 -12.99
N LYS F 29 13.77 -7.77 -13.37
CA LYS F 29 12.88 -6.95 -14.19
C LYS F 29 13.45 -6.89 -15.61
N ALA F 30 12.64 -7.24 -16.60
CA ALA F 30 13.05 -7.21 -17.99
C ALA F 30 12.97 -5.77 -18.49
N PRO F 31 13.61 -5.39 -19.63
CA PRO F 31 13.40 -4.02 -20.14
C PRO F 31 11.92 -3.83 -20.44
N GLY F 32 11.45 -2.63 -20.16
CA GLY F 32 10.05 -2.31 -20.34
C GLY F 32 9.82 -0.91 -20.82
N PRO F 33 8.56 -0.44 -20.77
CA PRO F 33 8.27 0.92 -21.26
C PRO F 33 8.94 2.05 -20.46
N HIS F 34 9.33 1.81 -19.19
CA HIS F 34 9.93 2.85 -18.37
C HIS F 34 11.39 2.58 -17.94
N CYS F 35 12.01 1.51 -18.44
CA CYS F 35 13.41 1.19 -18.18
C CYS F 35 13.95 0.31 -19.32
N ALA F 36 15.00 0.78 -20.00
CA ALA F 36 15.54 0.06 -21.14
C ALA F 36 16.55 -1.03 -20.80
N GLU F 37 16.89 -1.21 -19.52
CA GLU F 37 17.81 -2.28 -19.16
C GLU F 37 17.24 -3.23 -18.13
N THR F 38 17.78 -4.46 -18.12
CA THR F 38 17.38 -5.46 -17.14
C THR F 38 17.89 -5.02 -15.79
N GLU F 39 17.02 -5.06 -14.78
CA GLU F 39 17.39 -4.72 -13.41
C GLU F 39 17.18 -5.92 -12.50
N VAL F 40 18.11 -6.11 -11.56
CA VAL F 40 18.05 -7.16 -10.55
C VAL F 40 18.15 -6.50 -9.18
N ILE F 41 17.11 -6.65 -8.35
CA ILE F 41 17.12 -6.08 -7.01
C ILE F 41 16.96 -7.20 -6.00
N ALA F 42 17.95 -7.33 -5.13
CA ALA F 42 17.90 -8.34 -4.06
C ALA F 42 17.41 -7.71 -2.76
N THR F 43 16.53 -8.42 -2.03
CA THR F 43 16.06 -8.01 -0.71
C THR F 43 16.73 -8.97 0.27
N LEU F 44 17.47 -8.41 1.21
CA LEU F 44 18.18 -9.20 2.20
C LEU F 44 17.27 -9.52 3.38
N LYS F 45 17.67 -10.49 4.20
CA LYS F 45 16.90 -10.93 5.36
C LYS F 45 16.73 -9.82 6.40
N ASN F 46 17.63 -8.80 6.40
CA ASN F 46 17.53 -7.63 7.27
C ASN F 46 16.63 -6.52 6.68
N GLY F 47 16.10 -6.76 5.47
CA GLY F 47 15.20 -5.83 4.79
C GLY F 47 15.87 -4.81 3.89
N GLN F 48 17.21 -4.87 3.79
CA GLN F 48 17.99 -3.97 2.94
C GLN F 48 17.85 -4.41 1.48
N LYS F 49 17.84 -3.44 0.55
CA LYS F 49 17.73 -3.73 -0.88
C LYS F 49 19.04 -3.37 -1.57
N ALA F 50 19.44 -4.20 -2.53
CA ALA F 50 20.67 -3.96 -3.28
C ALA F 50 20.50 -4.31 -4.74
N CYS F 51 21.01 -3.44 -5.63
CA CYS F 51 20.98 -3.63 -7.09
C CYS F 51 22.14 -4.54 -7.46
N LEU F 52 21.88 -5.54 -8.32
CA LEU F 52 22.87 -6.51 -8.77
C LEU F 52 23.02 -6.45 -10.28
N ASN F 53 24.21 -6.76 -10.77
CA ASN F 53 24.51 -6.72 -12.17
C ASN F 53 23.91 -7.98 -12.84
N PRO F 54 22.92 -7.81 -13.76
CA PRO F 54 22.29 -9.00 -14.39
C PRO F 54 23.26 -9.87 -15.19
N ALA F 55 24.29 -9.24 -15.81
CA ALA F 55 25.31 -9.88 -16.62
C ALA F 55 26.38 -10.64 -15.81
N SER F 56 26.50 -10.35 -14.50
CA SER F 56 27.48 -10.97 -13.63
C SER F 56 27.26 -12.49 -13.49
N PRO F 57 28.31 -13.33 -13.70
CA PRO F 57 28.13 -14.79 -13.55
C PRO F 57 27.75 -15.22 -12.13
N MET F 58 28.30 -14.54 -11.09
CA MET F 58 28.00 -14.83 -9.68
C MET F 58 26.54 -14.51 -9.32
N VAL F 59 25.95 -13.49 -9.99
CA VAL F 59 24.55 -13.11 -9.77
C VAL F 59 23.65 -14.23 -10.30
N GLN F 60 23.93 -14.72 -11.52
CA GLN F 60 23.20 -15.81 -12.17
C GLN F 60 23.30 -17.12 -11.36
N LYS F 61 24.46 -17.37 -10.73
CA LYS F 61 24.69 -18.53 -9.85
C LYS F 61 23.98 -18.42 -8.51
N ILE F 62 23.78 -17.17 -7.99
CA ILE F 62 23.07 -16.95 -6.73
C ILE F 62 21.58 -17.33 -6.95
N ILE F 63 21.00 -16.88 -8.08
CA ILE F 63 19.61 -17.14 -8.47
C ILE F 63 19.40 -18.65 -8.58
N GLU F 64 20.32 -19.35 -9.27
CA GLU F 64 20.30 -20.81 -9.46
C GLU F 64 20.26 -21.58 -8.13
N LYS F 65 21.10 -21.16 -7.16
CA LYS F 65 21.15 -21.77 -5.82
C LYS F 65 19.82 -21.57 -5.05
N ILE F 66 19.15 -20.42 -5.25
CA ILE F 66 17.85 -20.19 -4.60
C ILE F 66 16.78 -21.05 -5.26
N LEU F 67 16.74 -21.02 -6.62
CA LEU F 67 15.81 -21.80 -7.46
C LEU F 67 15.86 -23.32 -7.18
N ASN F 68 17.04 -23.83 -6.74
CA ASN F 68 17.25 -25.24 -6.44
C ASN F 68 17.19 -25.56 -4.93
N LYS F 69 16.92 -24.55 -4.08
CA LYS F 69 16.81 -24.74 -2.63
C LYS F 69 15.42 -25.19 -2.22
C1 EDO G . -16.48 -36.86 28.88
O1 EDO G . -15.67 -36.32 29.91
C2 EDO G . -16.74 -38.40 29.07
O2 EDO G . -15.60 -39.17 28.73
C1 EDO H . -11.65 -15.70 -2.99
O1 EDO H . -11.51 -14.54 -3.77
C2 EDO H . -10.82 -15.61 -1.72
O2 EDO H . -11.39 -14.64 -0.82
C1 EDO I . -18.06 -19.73 -1.24
O1 EDO I . -17.52 -20.64 -2.20
C2 EDO I . -17.86 -20.31 0.17
O2 EDO I . -18.82 -21.34 0.39
C1 EDO J . -24.21 -23.28 10.79
O1 EDO J . -24.55 -24.20 11.80
C2 EDO J . -25.12 -22.04 10.90
O2 EDO J . -26.50 -22.40 10.92
C ACT K . 27.72 55.60 -28.52
O ACT K . 28.45 55.33 -27.53
OXT ACT K . 27.41 56.75 -28.94
CH3 ACT K . 27.09 54.46 -29.19
C1 EDO L . 15.29 38.16 -27.58
O1 EDO L . 14.16 37.73 -28.37
C2 EDO L . 16.40 38.76 -28.49
O2 EDO L . 17.13 37.71 -29.13
C1 EDO M . 28.03 17.46 -4.86
O1 EDO M . 28.01 17.22 -6.25
C2 EDO M . 27.71 18.92 -4.57
O2 EDO M . 26.34 19.15 -4.76
C1 EDO N . 16.91 30.89 -5.57
O1 EDO N . 16.61 31.75 -6.62
C2 EDO N . 15.80 31.04 -4.52
O2 EDO N . 15.97 32.29 -3.89
MG MG O . 13.88 42.43 1.12
#